data_8SV5
#
_entry.id   8SV5
#
_cell.length_a   63.421
_cell.length_b   101.849
_cell.length_c   77.204
_cell.angle_alpha   90.00
_cell.angle_beta   101.17
_cell.angle_gamma   90.00
#
_symmetry.space_group_name_H-M   'P 1 21 1'
#
loop_
_entity.id
_entity.type
_entity.pdbx_description
1 polymer '7,8-dihydroneopterin aldolase'
2 non-polymer 2-AMINO-6-HYDROXYMETHYL-7,8-DIHYDRO-3H-PTERIDIN-4-ONE
3 non-polymer 1,2-ETHANEDIOL
4 water water
#
_entity_poly.entity_id   1
_entity_poly.type   'polypeptide(L)'
_entity_poly.pdbx_seq_one_letter_code
;MDKIYIHDMEFYGYHGVFPEENKLGQRFKVDLTVELDLKRAGESDDLEHSVNYGELFELCRKVVEDRTYKLVESIAENIA
TDILKQYESISRCTIKVIKPDPPIPGHYRAVAVEITRERP
;
_entity_poly.pdbx_strand_id   A,B,C,D,E,F,G,H
#
# COMPACT_ATOMS: atom_id res chain seq x y z
N MET A 1 -27.02 7.99 11.81
CA MET A 1 -26.87 9.46 11.73
C MET A 1 -25.49 9.83 11.19
N ASP A 2 -25.13 11.11 11.28
CA ASP A 2 -23.81 11.54 10.85
C ASP A 2 -22.74 10.88 11.75
N LYS A 3 -21.50 10.95 11.27
CA LYS A 3 -20.41 10.23 11.92
C LYS A 3 -19.14 11.06 11.91
N ILE A 4 -18.34 10.86 12.96
CA ILE A 4 -16.96 11.36 13.03
C ILE A 4 -16.06 10.14 13.16
N TYR A 5 -15.07 10.04 12.28
CA TYR A 5 -14.12 8.95 12.29
C TYR A 5 -12.75 9.45 12.74
N ILE A 6 -12.03 8.58 13.44
CA ILE A 6 -10.58 8.71 13.61
C ILE A 6 -10.00 7.37 13.17
N HIS A 7 -9.26 7.39 12.05
CA HIS A 7 -8.80 6.16 11.42
C HIS A 7 -7.40 5.80 11.92
N ASP A 8 -7.25 4.57 12.39
CA ASP A 8 -5.94 3.94 12.53
C ASP A 8 -5.04 4.68 13.51
N MET A 9 -5.60 5.08 14.65
CA MET A 9 -4.77 5.60 15.73
C MET A 9 -3.76 4.52 16.12
N GLU A 10 -2.51 4.93 16.37
CA GLU A 10 -1.45 4.00 16.74
C GLU A 10 -0.86 4.42 18.08
N PHE A 11 -0.76 3.45 19.00
CA PHE A 11 -0.18 3.66 20.30
C PHE A 11 0.76 2.49 20.62
N TYR A 12 1.57 2.68 21.66
CA TYR A 12 2.36 1.60 22.24
C TYR A 12 1.88 1.36 23.66
N GLY A 13 1.51 0.11 23.95
CA GLY A 13 0.93 -0.24 25.23
C GLY A 13 1.52 -1.53 25.77
N TYR A 14 1.04 -1.92 26.95
CA TYR A 14 1.55 -3.09 27.65
C TYR A 14 0.43 -4.04 28.06
N HIS A 15 -0.68 -4.00 27.33
CA HIS A 15 -1.79 -4.90 27.62
C HIS A 15 -1.44 -6.32 27.16
N GLY A 16 -2.13 -7.29 27.75
CA GLY A 16 -1.93 -8.68 27.40
C GLY A 16 -2.14 -9.58 28.59
N VAL A 17 -2.47 -10.84 28.29
CA VAL A 17 -2.66 -11.83 29.34
C VAL A 17 -1.33 -12.31 29.89
N PHE A 18 -0.29 -12.33 29.07
CA PHE A 18 0.96 -12.93 29.53
C PHE A 18 1.83 -11.88 30.21
N PRO A 19 2.51 -12.25 31.30
CA PRO A 19 3.41 -11.27 31.94
C PRO A 19 4.52 -10.78 31.03
N GLU A 20 4.94 -11.62 30.07
CA GLU A 20 5.95 -11.17 29.12
C GLU A 20 5.43 -10.02 28.28
N GLU A 21 4.15 -10.06 27.89
CA GLU A 21 3.56 -8.95 27.16
C GLU A 21 3.53 -7.68 28.01
N ASN A 22 3.13 -7.83 29.28
CA ASN A 22 3.06 -6.66 30.17
C ASN A 22 4.42 -6.01 30.33
N LYS A 23 5.50 -6.76 30.16
CA LYS A 23 6.85 -6.23 30.32
C LYS A 23 7.36 -5.58 29.03
N LEU A 24 7.18 -6.25 27.89
CA LEU A 24 7.77 -5.76 26.66
C LEU A 24 6.92 -4.69 25.99
N GLY A 25 5.60 -4.87 25.98
CA GLY A 25 4.73 -3.98 25.25
C GLY A 25 4.66 -4.36 23.78
N GLN A 26 3.86 -3.60 23.05
CA GLN A 26 3.65 -3.86 21.63
C GLN A 26 2.76 -2.75 21.08
N ARG A 27 2.62 -2.75 19.76
CA ARG A 27 1.74 -1.78 19.11
C ARG A 27 0.27 -2.10 19.42
N PHE A 28 -0.52 -1.04 19.51
CA PHE A 28 -1.97 -1.17 19.51
C PHE A 28 -2.53 -0.09 18.60
N LYS A 29 -3.59 -0.43 17.87
CA LYS A 29 -4.25 0.50 16.98
C LYS A 29 -5.73 0.54 17.31
N VAL A 30 -6.33 1.73 17.14
CA VAL A 30 -7.75 1.92 17.42
C VAL A 30 -8.40 2.62 16.23
N ASP A 31 -9.56 2.12 15.83
CA ASP A 31 -10.44 2.79 14.90
C ASP A 31 -11.67 3.26 15.69
N LEU A 32 -12.00 4.54 15.55
CA LEU A 32 -13.07 5.15 16.33
C LEU A 32 -14.13 5.71 15.40
N THR A 33 -15.40 5.40 15.69
CA THR A 33 -16.54 5.97 15.01
C THR A 33 -17.57 6.36 16.06
N VAL A 34 -18.06 7.60 15.98
CA VAL A 34 -19.08 8.11 16.89
C VAL A 34 -20.18 8.74 16.05
N GLU A 35 -21.42 8.61 16.50
CA GLU A 35 -22.58 9.09 15.76
C GLU A 35 -23.29 10.18 16.56
N LEU A 36 -23.76 11.19 15.82
CA LEU A 36 -24.40 12.37 16.39
C LEU A 36 -24.92 13.17 15.21
N ASP A 37 -25.76 14.17 15.50
CA ASP A 37 -26.24 15.05 14.44
C ASP A 37 -25.19 16.14 14.20
N LEU A 38 -24.74 16.26 12.96
CA LEU A 38 -23.77 17.27 12.58
C LEU A 38 -24.37 18.38 11.72
N LYS A 39 -25.67 18.29 11.41
CA LYS A 39 -26.29 19.30 10.55
C LYS A 39 -26.08 20.70 11.11
N ARG A 40 -26.59 20.95 12.32
CA ARG A 40 -26.48 22.30 12.90
C ARG A 40 -25.03 22.78 12.89
N ALA A 41 -24.08 21.87 13.13
CA ALA A 41 -22.67 22.25 13.10
C ALA A 41 -22.25 22.68 11.70
N GLY A 42 -22.62 21.91 10.68
CA GLY A 42 -22.36 22.32 9.32
C GLY A 42 -23.18 23.52 8.88
N GLU A 43 -24.34 23.73 9.49
CA GLU A 43 -25.14 24.91 9.17
C GLU A 43 -24.51 26.17 9.77
N SER A 44 -23.95 26.06 10.97
CA SER A 44 -23.47 27.22 11.71
C SER A 44 -21.96 27.38 11.69
N ASP A 45 -21.21 26.32 11.37
CA ASP A 45 -19.75 26.37 11.39
C ASP A 45 -19.22 26.64 12.80
N ASP A 46 -19.94 26.15 13.81
CA ASP A 46 -19.67 26.49 15.21
C ASP A 46 -19.41 25.20 15.98
N LEU A 47 -18.15 25.02 16.41
CA LEU A 47 -17.74 23.76 17.03
C LEU A 47 -18.53 23.41 18.27
N GLU A 48 -19.18 24.40 18.91
CA GLU A 48 -19.99 24.10 20.09
C GLU A 48 -21.09 23.08 19.79
N HIS A 49 -21.46 22.92 18.52
CA HIS A 49 -22.53 22.02 18.11
C HIS A 49 -22.03 20.65 17.66
N SER A 50 -20.72 20.40 17.76
CA SER A 50 -20.18 19.08 17.44
C SER A 50 -19.32 18.58 18.60
N VAL A 51 -18.30 17.78 18.29
CA VAL A 51 -17.39 17.24 19.28
C VAL A 51 -15.97 17.40 18.75
N ASN A 52 -15.13 18.09 19.50
CA ASN A 52 -13.74 18.31 19.11
C ASN A 52 -13.04 16.97 18.93
N TYR A 53 -12.72 16.61 17.69
CA TYR A 53 -12.13 15.30 17.43
C TYR A 53 -10.78 15.13 18.12
N GLY A 54 -10.09 16.24 18.45
CA GLY A 54 -8.83 16.13 19.15
C GLY A 54 -8.99 15.64 20.58
N GLU A 55 -10.09 16.00 21.23
CA GLU A 55 -10.37 15.46 22.54
C GLU A 55 -10.72 13.98 22.48
N LEU A 56 -11.33 13.55 21.37
CA LEU A 56 -11.64 12.12 21.20
C LEU A 56 -10.35 11.31 21.04
N PHE A 57 -9.36 11.86 20.37
CA PHE A 57 -8.08 11.16 20.26
C PHE A 57 -7.42 11.03 21.62
N GLU A 58 -7.30 12.15 22.35
CA GLU A 58 -6.70 12.10 23.67
C GLU A 58 -7.42 11.11 24.57
N LEU A 59 -8.75 11.04 24.47
CA LEU A 59 -9.49 10.07 25.25
C LEU A 59 -9.02 8.65 24.95
N CYS A 60 -8.85 8.33 23.67
CA CYS A 60 -8.40 6.98 23.31
C CYS A 60 -6.95 6.75 23.71
N ARG A 61 -6.10 7.76 23.52
CA ARG A 61 -4.70 7.61 23.92
C ARG A 61 -4.58 7.35 25.41
N LYS A 62 -5.42 8.01 26.22
CA LYS A 62 -5.37 7.81 27.66
C LYS A 62 -5.70 6.36 28.02
N VAL A 63 -6.69 5.77 27.36
CA VAL A 63 -7.07 4.40 27.72
C VAL A 63 -6.00 3.40 27.28
N VAL A 64 -5.38 3.64 26.12
CA VAL A 64 -4.44 2.66 25.58
C VAL A 64 -3.05 2.84 26.18
N GLU A 65 -2.63 4.08 26.44
CA GLU A 65 -1.28 4.35 26.91
C GLU A 65 -1.19 4.71 28.40
N ASP A 66 -2.27 5.21 28.99
CA ASP A 66 -2.27 5.53 30.42
C ASP A 66 -3.00 4.49 31.26
N ARG A 67 -3.45 3.39 30.65
CA ARG A 67 -4.03 2.27 31.37
C ARG A 67 -3.44 0.98 30.83
N THR A 68 -3.61 -0.10 31.60
CA THR A 68 -3.15 -1.42 31.18
C THR A 68 -4.14 -2.46 31.64
N TYR A 69 -4.64 -3.26 30.69
CA TYR A 69 -5.58 -4.33 30.94
C TYR A 69 -5.04 -5.63 30.40
N LYS A 70 -5.65 -6.74 30.80
CA LYS A 70 -5.27 -8.04 30.26
C LYS A 70 -5.82 -8.23 28.86
N LEU A 71 -7.04 -7.78 28.60
CA LEU A 71 -7.74 -8.06 27.36
C LEU A 71 -7.97 -6.79 26.55
N VAL A 72 -7.94 -6.93 25.22
CA VAL A 72 -8.30 -5.83 24.35
C VAL A 72 -9.80 -5.52 24.45
N GLU A 73 -10.61 -6.50 24.85
CA GLU A 73 -12.01 -6.22 25.13
C GLU A 73 -12.15 -5.10 26.15
N SER A 74 -11.30 -5.10 27.18
CA SER A 74 -11.38 -4.07 28.21
C SER A 74 -10.93 -2.71 27.69
N ILE A 75 -9.98 -2.68 26.75
CA ILE A 75 -9.62 -1.41 26.12
C ILE A 75 -10.83 -0.80 25.42
N ALA A 76 -11.52 -1.61 24.61
CA ALA A 76 -12.67 -1.12 23.88
C ALA A 76 -13.80 -0.73 24.83
N GLU A 77 -14.03 -1.53 25.87
CA GLU A 77 -15.12 -1.22 26.79
C GLU A 77 -14.84 0.06 27.56
N ASN A 78 -13.58 0.30 27.92
CA ASN A 78 -13.26 1.51 28.68
C ASN A 78 -13.24 2.76 27.80
N ILE A 79 -12.89 2.62 26.52
CA ILE A 79 -13.01 3.76 25.61
C ILE A 79 -14.49 4.13 25.44
N ALA A 80 -15.32 3.13 25.10
CA ALA A 80 -16.74 3.40 24.91
C ALA A 80 -17.36 4.04 26.14
N THR A 81 -17.01 3.53 27.33
CA THR A 81 -17.58 4.08 28.56
C THR A 81 -17.16 5.53 28.75
N ASP A 82 -15.87 5.83 28.60
CA ASP A 82 -15.40 7.20 28.78
C ASP A 82 -16.05 8.13 27.77
N ILE A 83 -16.27 7.66 26.53
CA ILE A 83 -16.90 8.50 25.52
C ILE A 83 -18.31 8.87 25.95
N LEU A 84 -19.14 7.86 26.26
CA LEU A 84 -20.51 8.13 26.68
C LEU A 84 -20.55 8.88 28.01
N LYS A 85 -19.55 8.68 28.87
CA LYS A 85 -19.46 9.44 30.11
C LYS A 85 -19.29 10.92 29.83
N GLN A 86 -18.39 11.27 28.90
CA GLN A 86 -17.85 12.62 28.80
C GLN A 86 -18.48 13.46 27.71
N TYR A 87 -19.08 12.86 26.69
CA TYR A 87 -19.62 13.58 25.53
C TYR A 87 -21.05 13.12 25.32
N GLU A 88 -22.00 13.78 25.99
CA GLU A 88 -23.39 13.37 25.92
C GLU A 88 -23.98 13.54 24.53
N SER A 89 -23.38 14.38 23.68
CA SER A 89 -23.92 14.59 22.34
C SER A 89 -23.73 13.38 21.43
N ILE A 90 -22.89 12.43 21.82
CA ILE A 90 -22.69 11.22 21.01
C ILE A 90 -23.81 10.25 21.32
N SER A 91 -24.53 9.83 20.28
CA SER A 91 -25.62 8.88 20.45
C SER A 91 -25.13 7.45 20.56
N ARG A 92 -24.02 7.13 19.88
CA ARG A 92 -23.56 5.77 19.74
C ARG A 92 -22.11 5.83 19.30
N CYS A 93 -21.34 4.80 19.65
CA CYS A 93 -19.95 4.74 19.24
C CYS A 93 -19.55 3.30 18.99
N THR A 94 -18.69 3.11 17.98
CA THR A 94 -18.15 1.82 17.61
C THR A 94 -16.64 1.89 17.79
N ILE A 95 -16.11 1.07 18.69
CA ILE A 95 -14.68 1.04 18.99
C ILE A 95 -14.11 -0.26 18.43
N LYS A 96 -13.05 -0.14 17.65
CA LYS A 96 -12.31 -1.28 17.14
C LYS A 96 -10.88 -1.16 17.63
N VAL A 97 -10.46 -2.10 18.47
CA VAL A 97 -9.11 -2.13 19.03
C VAL A 97 -8.35 -3.24 18.32
N ILE A 98 -7.18 -2.89 17.76
CA ILE A 98 -6.42 -3.79 16.90
C ILE A 98 -5.11 -4.11 17.59
N LYS A 99 -4.80 -5.41 17.66
CA LYS A 99 -3.50 -5.88 18.14
C LYS A 99 -2.77 -6.43 16.92
N PRO A 100 -1.93 -5.64 16.24
CA PRO A 100 -1.32 -6.13 15.00
C PRO A 100 -0.20 -7.12 15.18
N ASP A 101 0.46 -7.15 16.34
CA ASP A 101 1.64 -7.98 16.56
C ASP A 101 1.48 -8.86 17.79
N PRO A 102 0.41 -9.65 17.86
CA PRO A 102 0.20 -10.52 19.03
C PRO A 102 1.18 -11.67 19.03
N PRO A 103 1.36 -12.34 20.17
CA PRO A 103 2.29 -13.48 20.24
C PRO A 103 1.66 -14.78 19.74
N ILE A 104 1.27 -14.79 18.46
CA ILE A 104 0.64 -15.95 17.85
C ILE A 104 1.54 -16.49 16.74
N PRO A 105 2.09 -17.70 16.86
CA PRO A 105 2.89 -18.25 15.77
C PRO A 105 2.04 -18.50 14.52
N GLY A 106 2.31 -17.73 13.48
CA GLY A 106 1.52 -17.78 12.27
C GLY A 106 1.70 -16.51 11.47
N HIS A 107 0.93 -16.43 10.39
CA HIS A 107 1.03 -15.32 9.44
C HIS A 107 -0.34 -14.70 9.26
N TYR A 108 -0.44 -13.39 9.50
CA TYR A 108 -1.71 -12.70 9.58
C TYR A 108 -1.45 -11.21 9.65
N ARG A 109 -2.49 -10.42 9.40
CA ARG A 109 -2.36 -8.97 9.48
C ARG A 109 -2.54 -8.47 10.91
N ALA A 110 -3.56 -8.96 11.61
CA ALA A 110 -3.87 -8.44 12.94
C ALA A 110 -5.05 -9.21 13.50
N VAL A 111 -5.20 -9.14 14.82
CA VAL A 111 -6.42 -9.52 15.51
C VAL A 111 -7.06 -8.26 16.06
N ALA A 112 -8.38 -8.31 16.26
CA ALA A 112 -9.09 -7.12 16.68
C ALA A 112 -10.40 -7.50 17.34
N VAL A 113 -10.85 -6.64 18.26
CA VAL A 113 -12.19 -6.70 18.84
C VAL A 113 -12.91 -5.42 18.47
N GLU A 114 -14.22 -5.52 18.21
CA GLU A 114 -15.01 -4.36 17.83
C GLU A 114 -16.33 -4.41 18.59
N ILE A 115 -16.65 -3.31 19.28
CA ILE A 115 -17.90 -3.21 20.04
C ILE A 115 -18.63 -1.95 19.62
N THR A 116 -19.95 -1.98 19.83
CA THR A 116 -20.82 -0.83 19.62
C THR A 116 -21.60 -0.61 20.91
N ARG A 117 -21.62 0.64 21.38
CA ARG A 117 -22.29 1.00 22.62
C ARG A 117 -23.12 2.26 22.41
N GLU A 118 -24.15 2.41 23.23
CA GLU A 118 -25.16 3.44 23.03
C GLU A 118 -25.61 3.99 24.38
N ARG A 119 -26.30 5.12 24.32
CA ARG A 119 -26.84 5.72 25.54
C ARG A 119 -28.04 4.91 26.01
N PRO A 120 -28.09 4.50 27.29
CA PRO A 120 -29.26 3.76 27.77
C PRO A 120 -30.53 4.62 27.77
N MET B 1 31.08 -2.13 6.07
CA MET B 1 29.97 -1.77 5.14
C MET B 1 28.64 -2.31 5.65
N ASP B 2 28.68 -3.18 6.65
CA ASP B 2 27.45 -3.66 7.27
C ASP B 2 26.65 -2.47 7.81
N LYS B 3 25.35 -2.66 7.95
CA LYS B 3 24.45 -1.54 8.24
C LYS B 3 23.38 -1.94 9.24
N ILE B 4 23.01 -0.98 10.08
CA ILE B 4 21.81 -1.03 10.91
C ILE B 4 20.83 0.00 10.35
N TYR B 5 19.59 -0.42 10.12
CA TYR B 5 18.54 0.46 9.63
C TYR B 5 17.46 0.61 10.68
N ILE B 6 16.89 1.81 10.77
CA ILE B 6 15.62 2.05 11.44
C ILE B 6 14.74 2.78 10.43
N HIS B 7 13.69 2.11 9.96
CA HIS B 7 12.89 2.59 8.84
C HIS B 7 11.67 3.34 9.33
N ASP B 8 11.46 4.52 8.77
CA ASP B 8 10.20 5.26 8.91
C ASP B 8 9.81 5.47 10.38
N MET B 9 10.79 5.85 11.21
CA MET B 9 10.47 6.39 12.52
C MET B 9 9.55 7.59 12.33
N GLU B 10 8.50 7.67 13.14
CA GLU B 10 7.53 8.76 13.03
C GLU B 10 7.46 9.52 14.35
N PHE B 11 7.47 10.84 14.26
CA PHE B 11 7.41 11.72 15.42
C PHE B 11 6.49 12.89 15.11
N TYR B 12 5.96 13.50 16.16
CA TYR B 12 5.26 14.77 16.05
C TYR B 12 6.16 15.86 16.61
N GLY B 13 6.52 16.82 15.75
CA GLY B 13 7.42 17.88 16.12
C GLY B 13 6.86 19.25 15.75
N TYR B 14 7.66 20.28 16.02
CA TYR B 14 7.25 21.66 15.81
C TYR B 14 8.27 22.46 15.02
N HIS B 15 9.14 21.78 14.28
CA HIS B 15 10.12 22.45 13.45
C HIS B 15 9.44 23.10 12.26
N GLY B 16 10.09 24.08 11.68
CA GLY B 16 9.56 24.76 10.50
C GLY B 16 10.01 26.21 10.41
N VAL B 17 10.05 26.72 9.18
CA VAL B 17 10.46 28.09 8.94
C VAL B 17 9.35 29.07 9.30
N PHE B 18 8.10 28.69 9.05
CA PHE B 18 6.98 29.61 9.27
C PHE B 18 6.52 29.52 10.72
N PRO B 19 6.32 30.65 11.40
CA PRO B 19 5.89 30.60 12.80
C PRO B 19 4.64 29.76 13.01
N GLU B 20 3.70 29.77 12.05
CA GLU B 20 2.49 28.96 12.19
C GLU B 20 2.83 27.48 12.33
N GLU B 21 3.92 27.02 11.71
CA GLU B 21 4.35 25.64 11.87
C GLU B 21 4.80 25.38 13.31
N ASN B 22 5.53 26.32 13.90
CA ASN B 22 6.05 26.11 15.25
C ASN B 22 4.94 25.97 16.28
N LYS B 23 3.75 26.47 15.99
CA LYS B 23 2.62 26.37 16.92
C LYS B 23 1.78 25.13 16.69
N LEU B 24 1.48 24.77 15.44
CA LEU B 24 0.61 23.64 15.18
C LEU B 24 1.34 22.31 15.35
N GLY B 25 2.59 22.24 14.90
CA GLY B 25 3.29 20.97 14.81
C GLY B 25 2.82 20.16 13.61
N GLN B 26 3.51 19.06 13.37
CA GLN B 26 3.18 18.20 12.23
C GLN B 26 4.02 16.94 12.33
N ARG B 27 3.72 15.99 11.43
CA ARG B 27 4.49 14.75 11.38
C ARG B 27 5.89 15.00 10.85
N PHE B 28 6.84 14.27 11.41
CA PHE B 28 8.17 14.15 10.83
C PHE B 28 8.55 12.68 10.83
N LYS B 29 9.29 12.27 9.82
CA LYS B 29 9.78 10.90 9.74
C LYS B 29 11.28 10.91 9.51
N VAL B 30 11.94 9.86 9.98
CA VAL B 30 13.39 9.74 9.87
C VAL B 30 13.73 8.31 9.47
N ASP B 31 14.50 8.17 8.39
CA ASP B 31 15.13 6.90 8.04
C ASP B 31 16.59 6.99 8.46
N LEU B 32 17.02 6.03 9.27
CA LEU B 32 18.37 6.04 9.84
C LEU B 32 19.18 4.87 9.29
N THR B 33 20.39 5.17 8.81
CA THR B 33 21.35 4.17 8.42
C THR B 33 22.67 4.48 9.14
N VAL B 34 23.24 3.47 9.79
CA VAL B 34 24.56 3.59 10.38
C VAL B 34 25.43 2.46 9.83
N GLU B 35 26.72 2.74 9.68
CA GLU B 35 27.68 1.80 9.13
C GLU B 35 28.71 1.44 10.20
N LEU B 36 28.98 0.15 10.33
CA LEU B 36 29.89 -0.39 11.34
C LEU B 36 30.03 -1.87 11.06
N ASP B 37 31.07 -2.48 11.62
CA ASP B 37 31.26 -3.91 11.45
C ASP B 37 30.26 -4.67 12.31
N LEU B 38 29.52 -5.57 11.67
CA LEU B 38 28.61 -6.47 12.39
C LEU B 38 29.09 -7.92 12.38
N LYS B 39 30.17 -8.23 11.67
CA LYS B 39 30.64 -9.61 11.57
C LYS B 39 31.01 -10.16 12.95
N ARG B 40 31.69 -9.34 13.76
CA ARG B 40 32.08 -9.81 15.09
C ARG B 40 30.87 -10.06 15.98
N ALA B 41 29.92 -9.12 16.01
CA ALA B 41 28.69 -9.34 16.75
C ALA B 41 27.96 -10.58 16.24
N GLY B 42 27.88 -10.74 14.92
CA GLY B 42 27.15 -11.88 14.37
C GLY B 42 27.76 -13.21 14.75
N GLU B 43 29.09 -13.27 14.84
CA GLU B 43 29.76 -14.54 15.18
C GLU B 43 29.76 -14.80 16.68
N SER B 44 29.73 -13.76 17.50
CA SER B 44 29.75 -13.91 18.95
C SER B 44 28.36 -13.83 19.58
N ASP B 45 27.39 -13.25 18.89
CA ASP B 45 26.04 -13.06 19.45
C ASP B 45 26.09 -12.16 20.68
N ASP B 46 27.06 -11.24 20.72
CA ASP B 46 27.29 -10.36 21.86
C ASP B 46 27.01 -8.93 21.44
N LEU B 47 26.00 -8.31 22.06
CA LEU B 47 25.61 -6.96 21.68
C LEU B 47 26.70 -5.94 21.95
N GLU B 48 27.66 -6.25 22.83
CA GLU B 48 28.76 -5.34 23.08
C GLU B 48 29.55 -5.03 21.82
N HIS B 49 29.48 -5.89 20.81
CA HIS B 49 30.21 -5.73 19.56
C HIS B 49 29.39 -5.03 18.48
N SER B 50 28.22 -4.53 18.83
CA SER B 50 27.40 -3.74 17.89
C SER B 50 26.86 -2.51 18.61
N VAL B 51 25.73 -1.99 18.15
CA VAL B 51 25.06 -0.85 18.77
C VAL B 51 23.61 -1.23 18.99
N ASN B 52 23.09 -0.94 20.19
CA ASN B 52 21.71 -1.23 20.52
C ASN B 52 20.79 -0.36 19.67
N TYR B 53 20.01 -0.98 18.79
CA TYR B 53 19.13 -0.20 17.93
C TYR B 53 18.11 0.61 18.72
N GLY B 54 17.82 0.19 19.97
CA GLY B 54 16.90 0.95 20.79
C GLY B 54 17.47 2.28 21.26
N GLU B 55 18.79 2.34 21.47
CA GLU B 55 19.41 3.61 21.84
C GLU B 55 19.46 4.56 20.64
N LEU B 56 19.65 4.02 19.44
CA LEU B 56 19.63 4.86 18.25
C LEU B 56 18.25 5.49 18.05
N PHE B 57 17.19 4.75 18.36
CA PHE B 57 15.85 5.31 18.26
C PHE B 57 15.67 6.46 19.24
N GLU B 58 16.07 6.24 20.50
CA GLU B 58 15.91 7.28 21.52
C GLU B 58 16.69 8.53 21.15
N LEU B 59 17.87 8.35 20.57
CA LEU B 59 18.67 9.51 20.15
C LEU B 59 17.91 10.34 19.12
N CYS B 60 17.27 9.69 18.16
CA CYS B 60 16.51 10.41 17.14
C CYS B 60 15.28 11.08 17.75
N ARG B 61 14.58 10.39 18.64
CA ARG B 61 13.36 10.96 19.22
C ARG B 61 13.66 12.27 19.97
N LYS B 62 14.84 12.38 20.57
CA LYS B 62 15.13 13.56 21.38
C LYS B 62 15.43 14.78 20.50
N VAL B 63 16.09 14.57 19.36
CA VAL B 63 16.32 15.68 18.43
C VAL B 63 14.99 16.14 17.84
N VAL B 64 14.11 15.20 17.48
CA VAL B 64 12.91 15.56 16.73
C VAL B 64 11.82 16.11 17.66
N GLU B 65 11.65 15.52 18.84
CA GLU B 65 10.54 15.88 19.70
C GLU B 65 10.91 16.83 20.83
N ASP B 66 12.14 16.81 21.31
CA ASP B 66 12.54 17.66 22.42
C ASP B 66 13.23 18.96 21.98
N ARG B 67 13.40 19.16 20.68
CA ARG B 67 13.99 20.38 20.15
C ARG B 67 13.09 20.96 19.07
N THR B 68 13.34 22.23 18.74
CA THR B 68 12.61 22.92 17.68
C THR B 68 13.60 23.72 16.85
N TYR B 69 13.61 23.48 15.55
CA TYR B 69 14.51 24.14 14.62
C TYR B 69 13.69 24.72 13.49
N LYS B 70 14.29 25.65 12.74
CA LYS B 70 13.62 26.18 11.56
C LYS B 70 13.66 25.16 10.42
N LEU B 71 14.79 24.47 10.25
CA LEU B 71 15.03 23.65 9.08
C LEU B 71 15.09 22.17 9.44
N VAL B 72 14.63 21.33 8.51
CA VAL B 72 14.83 19.90 8.64
C VAL B 72 16.32 19.56 8.46
N GLU B 73 17.06 20.40 7.73
CA GLU B 73 18.50 20.22 7.64
C GLU B 73 19.12 20.17 9.04
N SER B 74 18.62 21.00 9.95
CA SER B 74 19.16 21.02 11.31
C SER B 74 18.82 19.75 12.07
N ILE B 75 17.65 19.16 11.82
CA ILE B 75 17.31 17.88 12.44
C ILE B 75 18.31 16.81 12.00
N ALA B 76 18.52 16.70 10.68
CA ALA B 76 19.43 15.69 10.16
C ALA B 76 20.85 15.91 10.68
N GLU B 77 21.31 17.17 10.70
CA GLU B 77 22.66 17.46 11.13
C GLU B 77 22.85 17.11 12.61
N ASN B 78 21.88 17.48 13.46
CA ASN B 78 22.01 17.20 14.88
C ASN B 78 21.95 15.71 15.17
N ILE B 79 21.08 14.98 14.46
CA ILE B 79 21.05 13.52 14.61
C ILE B 79 22.42 12.95 14.25
N ALA B 80 22.96 13.36 13.11
CA ALA B 80 24.24 12.81 12.66
C ALA B 80 25.36 13.13 13.65
N THR B 81 25.40 14.37 14.14
CA THR B 81 26.43 14.75 15.10
C THR B 81 26.32 13.92 16.38
N ASP B 82 25.11 13.79 16.91
CA ASP B 82 24.93 13.04 18.16
C ASP B 82 25.31 11.58 17.99
N ILE B 83 25.01 11.00 16.83
CA ILE B 83 25.35 9.60 16.58
C ILE B 83 26.86 9.42 16.59
N LEU B 84 27.57 10.27 15.85
CA LEU B 84 29.01 10.10 15.70
C LEU B 84 29.76 10.49 16.98
N LYS B 85 29.19 11.37 17.79
CA LYS B 85 29.81 11.71 19.06
C LYS B 85 29.56 10.64 20.12
N GLN B 86 28.41 9.96 20.06
CA GLN B 86 28.07 8.97 21.06
C GLN B 86 28.59 7.58 20.72
N TYR B 87 28.64 7.22 19.45
CA TYR B 87 28.87 5.83 19.05
C TYR B 87 30.21 5.70 18.34
N GLU B 88 31.08 4.87 18.92
CA GLU B 88 32.48 4.81 18.58
C GLU B 88 32.79 3.73 17.55
N SER B 89 31.90 2.77 17.37
CA SER B 89 32.04 1.76 16.33
C SER B 89 31.49 2.24 14.99
N ILE B 90 30.65 3.27 14.99
CA ILE B 90 29.99 3.74 13.78
C ILE B 90 30.92 4.69 13.05
N SER B 91 31.29 4.33 11.82
CA SER B 91 32.18 5.15 11.02
C SER B 91 31.45 6.10 10.08
N ARG B 92 30.17 5.86 9.83
CA ARG B 92 29.41 6.68 8.90
C ARG B 92 27.93 6.44 9.14
N CYS B 93 27.12 7.48 8.90
CA CYS B 93 25.69 7.37 9.06
C CYS B 93 25.00 8.26 8.03
N THR B 94 23.88 7.78 7.51
CA THR B 94 23.04 8.54 6.58
C THR B 94 21.70 8.78 7.24
N ILE B 95 21.28 10.04 7.30
CA ILE B 95 20.06 10.44 7.97
C ILE B 95 19.15 11.11 6.94
N LYS B 96 17.95 10.58 6.79
CA LYS B 96 16.92 11.15 5.94
C LYS B 96 15.82 11.68 6.85
N VAL B 97 15.58 12.99 6.80
CA VAL B 97 14.52 13.62 7.58
C VAL B 97 13.40 13.99 6.61
N ILE B 98 12.23 13.43 6.85
CA ILE B 98 11.09 13.53 5.93
C ILE B 98 10.02 14.41 6.55
N LYS B 99 9.43 15.27 5.71
CA LYS B 99 8.31 16.13 6.08
C LYS B 99 7.15 15.70 5.18
N PRO B 100 6.28 14.79 5.64
CA PRO B 100 5.26 14.26 4.74
C PRO B 100 4.11 15.22 4.45
N ASP B 101 3.86 16.19 5.32
CA ASP B 101 2.73 17.10 5.17
C ASP B 101 3.20 18.56 5.29
N PRO B 102 4.14 18.96 4.45
CA PRO B 102 4.63 20.35 4.50
C PRO B 102 3.55 21.30 4.05
N PRO B 103 3.66 22.58 4.39
CA PRO B 103 2.65 23.56 3.98
C PRO B 103 2.92 24.11 2.57
N ILE B 104 2.87 23.23 1.58
CA ILE B 104 3.04 23.59 0.18
C ILE B 104 1.71 23.35 -0.52
N PRO B 105 1.07 24.37 -1.10
CA PRO B 105 -0.16 24.13 -1.85
C PRO B 105 0.12 23.33 -3.12
N GLY B 106 -0.30 22.08 -3.12
CA GLY B 106 -0.02 21.19 -4.22
C GLY B 106 -0.23 19.75 -3.81
N HIS B 107 0.22 18.84 -4.68
CA HIS B 107 -0.01 17.42 -4.49
C HIS B 107 1.30 16.67 -4.65
N TYR B 108 1.65 15.90 -3.64
CA TYR B 108 2.95 15.25 -3.54
C TYR B 108 2.87 14.29 -2.36
N ARG B 109 3.88 13.42 -2.24
CA ARG B 109 3.94 12.49 -1.12
C ARG B 109 4.70 13.10 0.06
N ALA B 110 5.86 13.69 -0.20
CA ALA B 110 6.70 14.18 0.89
C ALA B 110 7.86 14.98 0.32
N VAL B 111 8.45 15.80 1.19
CA VAL B 111 9.74 16.42 0.95
C VAL B 111 10.71 15.85 1.97
N ALA B 112 11.99 15.84 1.63
CA ALA B 112 12.97 15.23 2.51
C ALA B 112 14.35 15.78 2.21
N VAL B 113 15.19 15.80 3.25
CA VAL B 113 16.61 16.05 3.13
C VAL B 113 17.35 14.80 3.59
N GLU B 114 18.47 14.52 2.94
CA GLU B 114 19.29 13.37 3.30
C GLU B 114 20.75 13.80 3.28
N ILE B 115 21.48 13.47 4.35
CA ILE B 115 22.89 13.76 4.46
C ILE B 115 23.63 12.49 4.84
N THR B 116 24.92 12.47 4.51
CA THR B 116 25.83 11.41 4.94
C THR B 116 27.02 12.07 5.63
N ARG B 117 27.42 11.51 6.77
CA ARG B 117 28.45 12.11 7.59
C ARG B 117 29.37 11.03 8.13
N GLU B 118 30.64 11.39 8.30
CA GLU B 118 31.64 10.54 8.95
C GLU B 118 32.51 11.42 9.82
N ARG B 119 33.31 10.79 10.67
CA ARG B 119 34.15 11.65 11.50
C ARG B 119 35.46 11.95 10.78
N PRO B 120 35.96 13.19 10.89
CA PRO B 120 37.22 13.57 10.25
C PRO B 120 38.39 12.76 10.81
N MET C 1 -24.07 -6.63 17.49
CA MET C 1 -23.36 -7.55 18.41
C MET C 1 -21.86 -7.26 18.39
N ASP C 2 -21.15 -7.69 19.43
CA ASP C 2 -19.72 -7.48 19.50
C ASP C 2 -18.99 -8.50 18.62
N LYS C 3 -17.79 -8.13 18.20
CA LYS C 3 -17.08 -8.89 17.18
C LYS C 3 -15.62 -9.10 17.56
N ILE C 4 -15.11 -10.28 17.25
CA ILE C 4 -13.69 -10.59 17.26
C ILE C 4 -13.27 -10.81 15.81
N TYR C 5 -12.22 -10.13 15.38
CA TYR C 5 -11.71 -10.26 14.02
C TYR C 5 -10.34 -10.91 14.03
N ILE C 6 -10.04 -11.63 12.94
CA ILE C 6 -8.67 -12.01 12.60
C ILE C 6 -8.52 -11.70 11.12
N HIS C 7 -7.71 -10.69 10.80
CA HIS C 7 -7.62 -10.16 9.45
C HIS C 7 -6.49 -10.81 8.68
N ASP C 8 -6.81 -11.31 7.48
CA ASP C 8 -5.82 -11.67 6.48
C ASP C 8 -4.81 -12.70 7.00
N MET C 9 -5.34 -13.78 7.58
CA MET C 9 -4.50 -14.95 7.84
C MET C 9 -4.01 -15.48 6.50
N GLU C 10 -2.73 -15.85 6.44
CA GLU C 10 -2.12 -16.37 5.22
C GLU C 10 -1.61 -17.77 5.47
N PHE C 11 -2.01 -18.70 4.61
CA PHE C 11 -1.63 -20.09 4.69
C PHE C 11 -1.15 -20.55 3.33
N TYR C 12 -0.48 -21.70 3.30
CA TYR C 12 -0.13 -22.37 2.06
C TYR C 12 -0.83 -23.73 2.05
N GLY C 13 -1.69 -23.94 1.05
CA GLY C 13 -2.47 -25.16 0.96
C GLY C 13 -2.43 -25.73 -0.45
N TYR C 14 -3.15 -26.83 -0.61
CA TYR C 14 -3.15 -27.58 -1.87
C TYR C 14 -4.57 -27.79 -2.38
N HIS C 15 -5.52 -26.96 -1.95
CA HIS C 15 -6.88 -27.07 -2.42
C HIS C 15 -6.97 -26.64 -3.88
N GLY C 16 -7.92 -27.22 -4.60
CA GLY C 16 -8.10 -26.90 -5.99
C GLY C 16 -8.88 -27.95 -6.75
N VAL C 17 -9.63 -27.51 -7.76
CA VAL C 17 -10.36 -28.45 -8.62
C VAL C 17 -9.39 -29.18 -9.54
N PHE C 18 -8.38 -28.48 -10.05
CA PHE C 18 -7.45 -29.08 -10.99
C PHE C 18 -6.40 -29.88 -10.23
N PRO C 19 -6.11 -31.12 -10.64
CA PRO C 19 -5.10 -31.90 -9.91
C PRO C 19 -3.74 -31.23 -9.83
N GLU C 20 -3.40 -30.40 -10.83
CA GLU C 20 -2.12 -29.70 -10.79
C GLU C 20 -2.04 -28.78 -9.57
N GLU C 21 -3.15 -28.14 -9.20
CA GLU C 21 -3.15 -27.30 -8.01
C GLU C 21 -2.87 -28.14 -6.76
N ASN C 22 -3.44 -29.35 -6.69
CA ASN C 22 -3.25 -30.19 -5.52
C ASN C 22 -1.80 -30.62 -5.36
N LYS C 23 -1.03 -30.60 -6.44
CA LYS C 23 0.40 -30.95 -6.39
C LYS C 23 1.26 -29.73 -6.08
N LEU C 24 0.98 -28.60 -6.71
CA LEU C 24 1.83 -27.42 -6.53
C LEU C 24 1.49 -26.66 -5.26
N GLY C 25 0.20 -26.48 -4.97
CA GLY C 25 -0.22 -25.63 -3.87
C GLY C 25 -0.20 -24.17 -4.27
N GLN C 26 -0.63 -23.33 -3.34
CA GLN C 26 -0.69 -21.88 -3.57
C GLN C 26 -1.07 -21.20 -2.27
N ARG C 27 -1.03 -19.87 -2.29
CA ARG C 27 -1.43 -19.09 -1.13
C ARG C 27 -2.95 -19.19 -0.93
N PHE C 28 -3.35 -19.24 0.33
CA PHE C 28 -4.75 -19.08 0.72
C PHE C 28 -4.80 -18.09 1.88
N LYS C 29 -5.84 -17.25 1.89
CA LYS C 29 -6.03 -16.29 2.96
C LYS C 29 -7.45 -16.41 3.51
N VAL C 30 -7.62 -16.03 4.76
CA VAL C 30 -8.89 -16.14 5.46
C VAL C 30 -9.10 -14.88 6.30
N ASP C 31 -10.28 -14.29 6.17
CA ASP C 31 -10.75 -13.23 7.07
C ASP C 31 -11.87 -13.81 7.92
N LEU C 32 -11.73 -13.70 9.23
CA LEU C 32 -12.66 -14.32 10.18
C LEU C 32 -13.35 -13.24 11.00
N THR C 33 -14.67 -13.38 11.14
CA THR C 33 -15.44 -12.59 12.08
C THR C 33 -16.32 -13.54 12.88
N VAL C 34 -16.33 -13.37 14.20
CA VAL C 34 -17.24 -14.09 15.08
C VAL C 34 -17.96 -13.07 15.95
N GLU C 35 -19.21 -13.37 16.28
CA GLU C 35 -20.06 -12.48 17.06
C GLU C 35 -20.45 -13.15 18.37
N LEU C 36 -20.38 -12.38 19.45
CA LEU C 36 -20.64 -12.85 20.79
C LEU C 36 -20.63 -11.63 21.70
N ASP C 37 -21.24 -11.77 22.88
CA ASP C 37 -21.25 -10.67 23.83
C ASP C 37 -19.87 -10.54 24.47
N LEU C 38 -19.26 -9.37 24.32
CA LEU C 38 -17.93 -9.12 24.85
C LEU C 38 -17.94 -8.22 26.09
N LYS C 39 -19.10 -7.75 26.51
CA LYS C 39 -19.13 -6.69 27.52
C LYS C 39 -18.80 -7.22 28.92
N ARG C 40 -19.12 -8.48 29.22
CA ARG C 40 -18.72 -9.00 30.53
C ARG C 40 -17.22 -9.27 30.57
N ALA C 41 -16.65 -9.74 29.45
CA ALA C 41 -15.19 -9.85 29.37
C ALA C 41 -14.55 -8.47 29.48
N GLY C 42 -15.16 -7.46 28.86
CA GLY C 42 -14.61 -6.12 28.92
C GLY C 42 -14.71 -5.49 30.29
N GLU C 43 -15.72 -5.88 31.08
CA GLU C 43 -15.90 -5.30 32.41
C GLU C 43 -15.09 -6.03 33.47
N SER C 44 -14.88 -7.33 33.32
CA SER C 44 -14.16 -8.11 34.30
C SER C 44 -12.69 -8.31 33.94
N ASP C 45 -12.30 -8.06 32.69
CA ASP C 45 -10.93 -8.29 32.23
C ASP C 45 -10.55 -9.76 32.38
N ASP C 46 -11.52 -10.66 32.19
CA ASP C 46 -11.34 -12.10 32.39
C ASP C 46 -11.63 -12.81 31.08
N LEU C 47 -10.63 -13.53 30.57
CA LEU C 47 -10.78 -14.20 29.27
C LEU C 47 -11.78 -15.35 29.32
N GLU C 48 -12.13 -15.83 30.52
CA GLU C 48 -13.12 -16.90 30.60
C GLU C 48 -14.44 -16.50 29.97
N HIS C 49 -14.74 -15.20 29.92
CA HIS C 49 -15.99 -14.70 29.37
C HIS C 49 -15.88 -14.31 27.90
N SER C 50 -14.80 -14.69 27.23
CA SER C 50 -14.62 -14.39 25.82
C SER C 50 -14.13 -15.66 25.13
N VAL C 51 -13.53 -15.50 23.95
CA VAL C 51 -12.97 -16.61 23.19
C VAL C 51 -11.53 -16.25 22.84
N ASN C 52 -10.59 -17.12 23.22
CA ASN C 52 -9.17 -16.91 22.95
C ASN C 52 -8.92 -16.82 21.46
N TYR C 53 -8.55 -15.63 20.96
CA TYR C 53 -8.39 -15.47 19.52
C TYR C 53 -7.29 -16.35 18.95
N GLY C 54 -6.32 -16.76 19.77
CA GLY C 54 -5.30 -17.68 19.28
C GLY C 54 -5.84 -19.06 19.00
N GLU C 55 -6.87 -19.47 19.75
CA GLU C 55 -7.55 -20.73 19.47
C GLU C 55 -8.30 -20.64 18.14
N LEU C 56 -8.91 -19.49 17.86
CA LEU C 56 -9.62 -19.32 16.60
C LEU C 56 -8.66 -19.38 15.41
N PHE C 57 -7.48 -18.78 15.55
CA PHE C 57 -6.49 -18.85 14.47
C PHE C 57 -6.11 -20.29 14.18
N GLU C 58 -5.77 -21.05 15.23
CA GLU C 58 -5.37 -22.44 15.04
C GLU C 58 -6.49 -23.25 14.38
N LEU C 59 -7.75 -22.94 14.72
CA LEU C 59 -8.87 -23.64 14.11
C LEU C 59 -8.91 -23.42 12.61
N CYS C 60 -8.65 -22.19 12.17
CA CYS C 60 -8.60 -21.92 10.73
C CYS C 60 -7.37 -22.55 10.09
N ARG C 61 -6.22 -22.47 10.76
CA ARG C 61 -5.02 -23.08 10.23
C ARG C 61 -5.21 -24.57 10.02
N LYS C 62 -5.95 -25.21 10.91
CA LYS C 62 -6.18 -26.65 10.80
C LYS C 62 -6.97 -26.99 9.54
N VAL C 63 -7.99 -26.21 9.22
CA VAL C 63 -8.79 -26.51 8.03
C VAL C 63 -8.00 -26.19 6.76
N VAL C 64 -7.25 -25.09 6.76
CA VAL C 64 -6.63 -24.63 5.53
C VAL C 64 -5.38 -25.41 5.20
N GLU C 65 -4.60 -25.80 6.21
CA GLU C 65 -3.30 -26.43 5.98
C GLU C 65 -3.25 -27.91 6.32
N ASP C 66 -4.18 -28.42 7.13
CA ASP C 66 -4.19 -29.84 7.49
C ASP C 66 -5.18 -30.65 6.66
N ARG C 67 -5.83 -30.06 5.68
CA ARG C 67 -6.75 -30.78 4.80
C ARG C 67 -6.61 -30.24 3.39
N THR C 68 -7.11 -31.01 2.43
CA THR C 68 -7.13 -30.62 1.02
C THR C 68 -8.52 -30.86 0.47
N TYR C 69 -9.23 -29.76 0.18
CA TYR C 69 -10.54 -29.82 -0.46
C TYR C 69 -10.42 -29.38 -1.91
N LYS C 70 -11.44 -29.70 -2.69
CA LYS C 70 -11.48 -29.22 -4.07
C LYS C 70 -11.85 -27.73 -4.11
N LEU C 71 -12.84 -27.33 -3.33
CA LEU C 71 -13.40 -25.99 -3.41
C LEU C 71 -13.08 -25.18 -2.17
N VAL C 72 -12.91 -23.87 -2.39
CA VAL C 72 -12.80 -22.94 -1.26
C VAL C 72 -14.08 -22.94 -0.44
N GLU C 73 -15.21 -23.26 -1.07
CA GLU C 73 -16.48 -23.30 -0.35
C GLU C 73 -16.43 -24.30 0.78
N SER C 74 -15.78 -25.45 0.56
CA SER C 74 -15.69 -26.44 1.62
C SER C 74 -14.79 -25.97 2.75
N ILE C 75 -13.77 -25.16 2.45
CA ILE C 75 -12.93 -24.59 3.49
C ILE C 75 -13.75 -23.67 4.38
N ALA C 76 -14.49 -22.75 3.75
CA ALA C 76 -15.32 -21.82 4.51
C ALA C 76 -16.35 -22.57 5.35
N GLU C 77 -16.96 -23.61 4.78
CA GLU C 77 -18.01 -24.34 5.49
C GLU C 77 -17.44 -25.08 6.70
N ASN C 78 -16.26 -25.68 6.56
CA ASN C 78 -15.70 -26.45 7.65
C ASN C 78 -15.17 -25.56 8.78
N ILE C 79 -14.61 -24.39 8.44
CA ILE C 79 -14.21 -23.45 9.48
C ILE C 79 -15.42 -23.02 10.29
N ALA C 80 -16.48 -22.60 9.61
CA ALA C 80 -17.68 -22.12 10.30
C ALA C 80 -18.28 -23.23 11.16
N THR C 81 -18.38 -24.44 10.61
CA THR C 81 -18.90 -25.56 11.38
C THR C 81 -18.08 -25.80 12.64
N ASP C 82 -16.75 -25.72 12.53
CA ASP C 82 -15.90 -26.00 13.67
C ASP C 82 -16.04 -24.92 14.74
N ILE C 83 -16.19 -23.65 14.33
CA ILE C 83 -16.34 -22.58 15.30
C ILE C 83 -17.64 -22.74 16.07
N LEU C 84 -18.75 -22.91 15.36
CA LEU C 84 -20.05 -23.05 16.02
C LEU C 84 -20.16 -24.35 16.80
N LYS C 85 -19.37 -25.37 16.46
CA LYS C 85 -19.41 -26.61 17.22
C LYS C 85 -18.72 -26.48 18.57
N GLN C 86 -17.74 -25.58 18.69
CA GLN C 86 -16.90 -25.51 19.87
C GLN C 86 -17.25 -24.37 20.81
N TYR C 87 -17.68 -23.22 20.29
CA TYR C 87 -17.88 -22.01 21.09
C TYR C 87 -19.36 -21.69 21.15
N GLU C 88 -20.01 -22.12 22.24
CA GLU C 88 -21.44 -21.88 22.41
C GLU C 88 -21.75 -20.40 22.54
N SER C 89 -20.82 -19.61 23.07
CA SER C 89 -21.07 -18.18 23.22
C SER C 89 -21.11 -17.45 21.88
N ILE C 90 -20.55 -18.05 20.84
CA ILE C 90 -20.54 -17.44 19.51
C ILE C 90 -21.88 -17.74 18.84
N SER C 91 -22.64 -16.68 18.54
CA SER C 91 -23.95 -16.81 17.93
C SER C 91 -23.90 -16.75 16.41
N ARG C 92 -22.84 -16.20 15.84
CA ARG C 92 -22.76 -16.01 14.39
C ARG C 92 -21.31 -15.78 14.01
N CYS C 93 -20.96 -16.19 12.79
CA CYS C 93 -19.62 -15.98 12.27
C CYS C 93 -19.68 -15.82 10.77
N THR C 94 -18.76 -15.01 10.25
CA THR C 94 -18.61 -14.78 8.81
C THR C 94 -17.19 -15.16 8.43
N ILE C 95 -17.07 -16.08 7.47
CA ILE C 95 -15.78 -16.59 7.02
C ILE C 95 -15.59 -16.21 5.57
N LYS C 96 -14.49 -15.51 5.29
CA LYS C 96 -14.09 -15.17 3.93
C LYS C 96 -12.82 -15.94 3.62
N VAL C 97 -12.87 -16.78 2.58
CA VAL C 97 -11.73 -17.56 2.13
C VAL C 97 -11.27 -16.99 0.79
N ILE C 98 -9.99 -16.67 0.69
CA ILE C 98 -9.45 -15.91 -0.43
C ILE C 98 -8.38 -16.76 -1.12
N LYS C 99 -8.48 -16.85 -2.45
CA LYS C 99 -7.46 -17.46 -3.29
C LYS C 99 -6.83 -16.33 -4.10
N PRO C 100 -5.71 -15.76 -3.66
CA PRO C 100 -5.16 -14.59 -4.36
C PRO C 100 -4.50 -14.91 -5.68
N ASP C 101 -4.12 -16.16 -5.93
CA ASP C 101 -3.35 -16.52 -7.12
C ASP C 101 -3.97 -17.73 -7.82
N PRO C 102 -5.26 -17.65 -8.16
CA PRO C 102 -5.91 -18.78 -8.81
C PRO C 102 -5.38 -18.96 -10.22
N PRO C 103 -5.52 -20.15 -10.80
CA PRO C 103 -5.04 -20.37 -12.17
C PRO C 103 -6.05 -19.87 -13.21
N ILE C 104 -6.30 -18.57 -13.21
CA ILE C 104 -7.17 -17.90 -14.16
C ILE C 104 -6.31 -17.01 -15.03
N PRO C 105 -6.24 -17.25 -16.36
CA PRO C 105 -5.47 -16.34 -17.21
C PRO C 105 -6.10 -14.97 -17.31
N GLY C 106 -5.49 -13.97 -16.70
CA GLY C 106 -6.04 -12.64 -16.65
C GLY C 106 -5.36 -11.82 -15.58
N HIS C 107 -5.99 -10.72 -15.21
CA HIS C 107 -5.44 -9.78 -14.25
C HIS C 107 -6.49 -9.39 -13.24
N TYR C 108 -6.15 -9.53 -11.97
CA TYR C 108 -7.10 -9.36 -10.87
C TYR C 108 -6.31 -9.43 -9.57
N ARG C 109 -6.99 -9.15 -8.47
CA ARG C 109 -6.36 -9.21 -7.16
C ARG C 109 -6.59 -10.55 -6.48
N ALA C 110 -7.83 -11.05 -6.49
CA ALA C 110 -8.13 -12.33 -5.86
C ALA C 110 -9.56 -12.72 -6.19
N VAL C 111 -9.86 -14.00 -5.97
CA VAL C 111 -11.23 -14.50 -5.93
C VAL C 111 -11.49 -14.96 -4.50
N ALA C 112 -12.76 -14.93 -4.10
CA ALA C 112 -13.07 -15.28 -2.72
C ALA C 112 -14.51 -15.75 -2.62
N VAL C 113 -14.77 -16.54 -1.59
CA VAL C 113 -16.11 -16.91 -1.17
C VAL C 113 -16.29 -16.44 0.27
N GLU C 114 -17.53 -16.14 0.64
CA GLU C 114 -17.81 -15.66 1.98
C GLU C 114 -19.17 -16.19 2.41
N ILE C 115 -19.22 -16.79 3.60
CA ILE C 115 -20.46 -17.33 4.14
C ILE C 115 -20.66 -16.77 5.54
N THR C 116 -21.94 -16.70 5.93
CA THR C 116 -22.32 -16.36 7.30
C THR C 116 -23.20 -17.49 7.83
N ARG C 117 -22.84 -17.99 9.00
CA ARG C 117 -23.58 -19.06 9.66
C ARG C 117 -23.84 -18.63 11.09
N GLU C 118 -25.02 -18.94 11.60
CA GLU C 118 -25.43 -18.50 12.92
C GLU C 118 -25.99 -19.68 13.71
N ARG C 119 -26.26 -19.43 14.95
CA ARG C 119 -26.64 -20.53 15.81
C ARG C 119 -28.14 -20.80 15.75
N PRO C 120 -28.54 -22.05 15.97
CA PRO C 120 -29.96 -22.37 16.12
C PRO C 120 -30.51 -21.72 17.40
N MET D 1 27.30 -10.23 -11.09
CA MET D 1 26.40 -9.05 -11.31
C MET D 1 24.95 -9.45 -11.56
N ASP D 2 24.72 -10.59 -12.21
CA ASP D 2 23.37 -11.13 -12.24
C ASP D 2 22.97 -11.51 -10.82
N LYS D 3 21.70 -11.33 -10.50
CA LYS D 3 21.23 -11.44 -9.14
C LYS D 3 19.95 -12.27 -9.08
N ILE D 4 19.84 -13.07 -8.02
CA ILE D 4 18.60 -13.74 -7.65
C ILE D 4 18.10 -13.07 -6.37
N TYR D 5 16.82 -12.68 -6.36
CA TYR D 5 16.21 -12.04 -5.22
C TYR D 5 15.13 -12.94 -4.63
N ILE D 6 14.98 -12.87 -3.31
CA ILE D 6 13.80 -13.36 -2.62
C ILE D 6 13.35 -12.20 -1.71
N HIS D 7 12.20 -11.61 -2.05
CA HIS D 7 11.73 -10.40 -1.36
C HIS D 7 10.81 -10.76 -0.21
N ASP D 8 11.14 -10.26 0.98
CA ASP D 8 10.20 -10.22 2.10
C ASP D 8 9.73 -11.60 2.54
N MET D 9 10.68 -12.52 2.69
CA MET D 9 10.38 -13.75 3.41
C MET D 9 9.88 -13.39 4.81
N GLU D 10 8.89 -14.11 5.30
CA GLU D 10 8.34 -13.87 6.62
C GLU D 10 8.37 -15.17 7.42
N PHE D 11 8.87 -15.08 8.64
CA PHE D 11 8.92 -16.22 9.55
C PHE D 11 8.50 -15.74 10.94
N TYR D 12 8.12 -16.70 11.77
CA TYR D 12 7.92 -16.48 13.19
C TYR D 12 9.07 -17.14 13.93
N GLY D 13 9.77 -16.36 14.75
CA GLY D 13 10.95 -16.84 15.46
C GLY D 13 10.93 -16.37 16.90
N TYR D 14 12.00 -16.74 17.62
CA TYR D 14 12.10 -16.48 19.05
C TYR D 14 13.42 -15.83 19.42
N HIS D 15 14.05 -15.14 18.46
CA HIS D 15 15.30 -14.44 18.72
C HIS D 15 15.03 -13.19 19.55
N GLY D 16 16.08 -12.69 20.17
CA GLY D 16 16.02 -11.47 20.96
C GLY D 16 16.96 -11.53 22.15
N VAL D 17 17.35 -10.34 22.61
CA VAL D 17 18.20 -10.27 23.79
C VAL D 17 17.40 -10.48 25.07
N PHE D 18 16.13 -10.13 25.07
CA PHE D 18 15.32 -10.25 26.28
C PHE D 18 14.75 -11.65 26.41
N PRO D 19 14.83 -12.28 27.58
CA PRO D 19 14.19 -13.60 27.75
C PRO D 19 12.72 -13.59 27.40
N GLU D 20 12.03 -12.47 27.63
CA GLU D 20 10.61 -12.37 27.28
C GLU D 20 10.40 -12.58 25.79
N GLU D 21 11.32 -12.06 24.97
CA GLU D 21 11.22 -12.27 23.53
C GLU D 21 11.40 -13.74 23.18
N ASN D 22 12.37 -14.39 23.81
CA ASN D 22 12.60 -15.80 23.53
C ASN D 22 11.40 -16.66 23.90
N LYS D 23 10.54 -16.18 24.79
CA LYS D 23 9.35 -16.92 25.17
C LYS D 23 8.19 -16.65 24.22
N LEU D 24 7.93 -15.38 23.93
CA LEU D 24 6.76 -15.02 23.15
C LEU D 24 6.96 -15.23 21.66
N GLY D 25 8.17 -14.97 21.16
CA GLY D 25 8.39 -14.98 19.72
C GLY D 25 7.81 -13.74 19.06
N GLN D 26 8.06 -13.63 17.77
CA GLN D 26 7.61 -12.47 17.00
C GLN D 26 7.92 -12.69 15.53
N ARG D 27 7.47 -11.76 14.70
CA ARG D 27 7.72 -11.84 13.27
C ARG D 27 9.17 -11.48 12.96
N PHE D 28 9.73 -12.18 11.97
CA PHE D 28 11.00 -11.81 11.38
C PHE D 28 10.86 -11.86 9.86
N LYS D 29 11.49 -10.91 9.19
CA LYS D 29 11.50 -10.86 7.73
C LYS D 29 12.93 -10.84 7.22
N VAL D 30 13.13 -11.37 6.01
CA VAL D 30 14.45 -11.46 5.40
C VAL D 30 14.35 -11.07 3.93
N ASP D 31 15.27 -10.23 3.49
CA ASP D 31 15.46 -9.92 2.08
C ASP D 31 16.79 -10.55 1.65
N LEU D 32 16.75 -11.38 0.60
CA LEU D 32 17.91 -12.14 0.16
C LEU D 32 18.31 -11.70 -1.23
N THR D 33 19.60 -11.40 -1.40
CA THR D 33 20.21 -11.14 -2.70
C THR D 33 21.47 -11.99 -2.80
N VAL D 34 21.56 -12.79 -3.86
CA VAL D 34 22.76 -13.56 -4.18
C VAL D 34 23.21 -13.19 -5.59
N GLU D 35 24.52 -13.02 -5.76
CA GLU D 35 25.11 -12.67 -7.03
C GLU D 35 25.84 -13.88 -7.61
N LEU D 36 25.68 -14.06 -8.92
CA LEU D 36 26.27 -15.18 -9.65
C LEU D 36 26.03 -14.88 -11.13
N ASP D 37 26.75 -15.60 -11.99
CA ASP D 37 26.52 -15.45 -13.43
C ASP D 37 25.30 -16.27 -13.83
N LEU D 38 24.33 -15.62 -14.45
CA LEU D 38 23.11 -16.27 -14.89
C LEU D 38 23.00 -16.42 -16.39
N LYS D 39 23.93 -15.85 -17.16
CA LYS D 39 23.83 -15.93 -18.62
C LYS D 39 23.81 -17.38 -19.10
N ARG D 40 24.63 -18.25 -18.51
CA ARG D 40 24.67 -19.63 -18.94
C ARG D 40 23.33 -20.31 -18.74
N ALA D 41 22.69 -20.08 -17.58
CA ALA D 41 21.36 -20.63 -17.36
C ALA D 41 20.33 -19.98 -18.29
N GLY D 42 20.49 -18.68 -18.56
CA GLY D 42 19.51 -18.00 -19.40
C GLY D 42 19.53 -18.46 -20.84
N GLU D 43 20.72 -18.72 -21.38
CA GLU D 43 20.87 -19.14 -22.77
C GLU D 43 20.78 -20.65 -22.96
N SER D 44 20.68 -21.42 -21.88
CA SER D 44 20.56 -22.87 -21.93
C SER D 44 19.29 -23.40 -21.32
N ASP D 45 18.53 -22.58 -20.59
CA ASP D 45 17.30 -23.01 -19.94
C ASP D 45 17.51 -24.26 -19.09
N ASP D 46 18.67 -24.32 -18.44
CA ASP D 46 19.09 -25.47 -17.63
C ASP D 46 19.34 -24.99 -16.22
N LEU D 47 18.58 -25.53 -15.26
CA LEU D 47 18.71 -25.10 -13.87
C LEU D 47 20.04 -25.53 -13.25
N GLU D 48 20.70 -26.54 -13.80
CA GLU D 48 21.98 -26.98 -13.25
C GLU D 48 23.03 -25.88 -13.27
N HIS D 49 22.89 -24.90 -14.17
CA HIS D 49 23.82 -23.79 -14.26
C HIS D 49 23.38 -22.57 -13.48
N SER D 50 22.38 -22.71 -12.61
CA SER D 50 21.92 -21.64 -11.74
C SER D 50 21.78 -22.21 -10.33
N VAL D 51 21.04 -21.49 -9.49
CA VAL D 51 20.76 -21.93 -8.12
C VAL D 51 19.25 -21.96 -7.93
N ASN D 52 18.72 -23.13 -7.57
CA ASN D 52 17.31 -23.30 -7.27
C ASN D 52 16.88 -22.36 -6.15
N TYR D 53 16.02 -21.39 -6.46
CA TYR D 53 15.65 -20.40 -5.44
C TYR D 53 14.81 -21.00 -4.32
N GLY D 54 14.19 -22.17 -4.54
CA GLY D 54 13.50 -22.84 -3.46
C GLY D 54 14.44 -23.35 -2.38
N GLU D 55 15.64 -23.76 -2.78
CA GLU D 55 16.63 -24.19 -1.78
C GLU D 55 17.14 -22.99 -0.97
N LEU D 56 17.24 -21.81 -1.59
CA LEU D 56 17.64 -20.62 -0.85
C LEU D 56 16.62 -20.28 0.22
N PHE D 57 15.32 -20.31 -0.14
CA PHE D 57 14.30 -20.02 0.85
C PHE D 57 14.36 -20.99 2.01
N GLU D 58 14.54 -22.29 1.72
CA GLU D 58 14.61 -23.27 2.79
C GLU D 58 15.81 -23.03 3.69
N LEU D 59 16.93 -22.59 3.12
CA LEU D 59 18.10 -22.25 3.93
C LEU D 59 17.77 -21.15 4.92
N CYS D 60 17.08 -20.10 4.46
CA CYS D 60 16.75 -19.00 5.35
C CYS D 60 15.76 -19.44 6.43
N ARG D 61 14.75 -20.21 6.04
CA ARG D 61 13.75 -20.66 7.02
C ARG D 61 14.41 -21.43 8.16
N LYS D 62 15.34 -22.33 7.84
CA LYS D 62 15.98 -23.13 8.87
C LYS D 62 16.71 -22.25 9.88
N VAL D 63 17.44 -21.23 9.42
CA VAL D 63 18.17 -20.38 10.35
C VAL D 63 17.22 -19.57 11.21
N VAL D 64 16.10 -19.12 10.62
CA VAL D 64 15.22 -18.21 11.34
C VAL D 64 14.22 -18.95 12.23
N GLU D 65 13.74 -20.12 11.82
CA GLU D 65 12.71 -20.83 12.57
C GLU D 65 13.22 -22.04 13.33
N ASP D 66 14.35 -22.63 12.92
CA ASP D 66 14.91 -23.78 13.61
C ASP D 66 16.08 -23.43 14.52
N ARG D 67 16.41 -22.15 14.65
CA ARG D 67 17.48 -21.70 15.53
C ARG D 67 16.98 -20.51 16.35
N THR D 68 17.68 -20.22 17.44
CA THR D 68 17.36 -19.09 18.29
C THR D 68 18.66 -18.41 18.71
N TYR D 69 18.89 -17.21 18.21
CA TYR D 69 20.00 -16.36 18.60
C TYR D 69 19.45 -15.18 19.40
N LYS D 70 20.37 -14.42 19.98
CA LYS D 70 19.97 -13.22 20.72
C LYS D 70 19.98 -11.98 19.84
N LEU D 71 20.86 -11.91 18.85
CA LEU D 71 20.97 -10.77 17.95
C LEU D 71 20.48 -11.15 16.56
N VAL D 72 19.84 -10.19 15.88
CA VAL D 72 19.52 -10.39 14.47
C VAL D 72 20.78 -10.36 13.62
N GLU D 73 21.84 -9.72 14.10
CA GLU D 73 23.14 -9.81 13.44
C GLU D 73 23.56 -11.26 13.27
N SER D 74 23.22 -12.12 14.23
CA SER D 74 23.62 -13.52 14.16
C SER D 74 22.79 -14.31 13.14
N ILE D 75 21.54 -13.91 12.94
CA ILE D 75 20.72 -14.54 11.90
C ILE D 75 21.34 -14.30 10.52
N ALA D 76 21.62 -13.02 10.21
CA ALA D 76 22.18 -12.68 8.91
C ALA D 76 23.52 -13.36 8.70
N GLU D 77 24.41 -13.28 9.69
CA GLU D 77 25.73 -13.88 9.56
C GLU D 77 25.64 -15.38 9.28
N ASN D 78 24.68 -16.06 9.90
CA ASN D 78 24.55 -17.50 9.71
C ASN D 78 23.89 -17.85 8.38
N ILE D 79 23.00 -16.99 7.87
CA ILE D 79 22.44 -17.22 6.54
C ILE D 79 23.50 -17.01 5.47
N ALA D 80 24.26 -15.93 5.57
CA ALA D 80 25.30 -15.65 4.59
C ALA D 80 26.36 -16.73 4.57
N THR D 81 26.81 -17.18 5.73
CA THR D 81 27.82 -18.22 5.79
C THR D 81 27.31 -19.52 5.17
N ASP D 82 26.07 -19.90 5.48
CA ASP D 82 25.51 -21.12 4.91
C ASP D 82 25.30 -21.01 3.41
N ILE D 83 24.98 -19.81 2.91
CA ILE D 83 24.87 -19.62 1.46
C ILE D 83 26.20 -19.90 0.78
N LEU D 84 27.26 -19.26 1.26
CA LEU D 84 28.56 -19.35 0.59
C LEU D 84 29.19 -20.72 0.78
N LYS D 85 28.91 -21.39 1.90
CA LYS D 85 29.43 -22.75 2.08
C LYS D 85 28.78 -23.74 1.12
N GLN D 86 27.51 -23.50 0.76
CA GLN D 86 26.73 -24.49 0.03
C GLN D 86 26.79 -24.30 -1.48
N TYR D 87 26.99 -23.08 -1.97
CA TYR D 87 27.05 -22.81 -3.41
C TYR D 87 28.23 -21.86 -3.65
N GLU D 88 29.34 -22.39 -4.17
CA GLU D 88 30.47 -21.55 -4.58
C GLU D 88 30.40 -21.18 -6.06
N SER D 89 29.24 -21.37 -6.70
CA SER D 89 28.89 -20.59 -7.89
C SER D 89 28.34 -19.22 -7.51
N ILE D 90 27.85 -19.07 -6.28
CA ILE D 90 27.47 -17.76 -5.76
C ILE D 90 28.74 -17.08 -5.27
N SER D 91 29.04 -15.91 -5.84
CA SER D 91 30.24 -15.17 -5.47
C SER D 91 30.00 -14.22 -4.29
N ARG D 92 28.76 -13.82 -4.05
CA ARG D 92 28.47 -12.77 -3.09
C ARG D 92 27.00 -12.86 -2.72
N CYS D 93 26.67 -12.35 -1.53
CA CYS D 93 25.29 -12.36 -1.06
C CYS D 93 25.08 -11.23 -0.08
N THR D 94 23.91 -10.59 -0.16
CA THR D 94 23.52 -9.52 0.75
C THR D 94 22.26 -9.97 1.49
N ILE D 95 22.35 -10.06 2.82
CA ILE D 95 21.26 -10.53 3.66
C ILE D 95 20.77 -9.36 4.49
N LYS D 96 19.49 -9.07 4.40
CA LYS D 96 18.83 -8.09 5.26
C LYS D 96 17.84 -8.83 6.15
N VAL D 97 18.06 -8.75 7.46
CA VAL D 97 17.18 -9.37 8.45
C VAL D 97 16.40 -8.26 9.14
N ILE D 98 15.08 -8.36 9.08
CA ILE D 98 14.18 -7.30 9.52
C ILE D 98 13.40 -7.77 10.74
N LYS D 99 13.26 -6.88 11.72
CA LYS D 99 12.44 -7.10 12.91
C LYS D 99 11.33 -6.07 12.86
N PRO D 100 10.14 -6.42 12.36
CA PRO D 100 9.09 -5.39 12.19
C PRO D 100 8.40 -4.98 13.48
N ASP D 101 8.44 -5.79 14.53
CA ASP D 101 7.69 -5.52 15.76
C ASP D 101 8.59 -5.67 16.98
N PRO D 102 9.71 -4.95 17.03
CA PRO D 102 10.59 -5.05 18.20
C PRO D 102 9.95 -4.43 19.43
N PRO D 103 10.48 -4.72 20.62
CA PRO D 103 9.93 -4.13 21.84
C PRO D 103 10.52 -2.75 22.16
N ILE D 104 10.28 -1.79 21.26
CA ILE D 104 10.75 -0.43 21.41
C ILE D 104 9.52 0.47 21.56
N PRO D 105 9.34 1.16 22.68
CA PRO D 105 8.20 2.09 22.80
C PRO D 105 8.36 3.25 21.83
N GLY D 106 7.59 3.24 20.75
CA GLY D 106 7.70 4.27 19.75
C GLY D 106 6.96 3.87 18.49
N HIS D 107 7.20 4.64 17.43
CA HIS D 107 6.49 4.48 16.16
C HIS D 107 7.50 4.42 15.03
N TYR D 108 7.44 3.36 14.24
CA TYR D 108 8.44 3.11 13.22
C TYR D 108 7.95 1.96 12.36
N ARG D 109 8.60 1.78 11.20
CA ARG D 109 8.30 0.67 10.32
C ARG D 109 8.92 -0.62 10.84
N ALA D 110 10.22 -0.59 11.12
CA ALA D 110 10.97 -1.79 11.47
C ALA D 110 12.42 -1.41 11.70
N VAL D 111 13.16 -2.31 12.34
CA VAL D 111 14.60 -2.22 12.46
C VAL D 111 15.20 -3.39 11.70
N ALA D 112 16.39 -3.19 11.15
CA ALA D 112 17.00 -4.21 10.31
C ALA D 112 18.51 -4.09 10.37
N VAL D 113 19.17 -5.22 10.16
CA VAL D 113 20.60 -5.26 9.86
C VAL D 113 20.76 -5.80 8.45
N GLU D 114 21.85 -5.40 7.80
CA GLU D 114 22.15 -5.83 6.44
C GLU D 114 23.64 -6.04 6.33
N ILE D 115 24.04 -7.17 5.74
CA ILE D 115 25.45 -7.50 5.57
C ILE D 115 25.69 -8.02 4.16
N THR D 116 26.92 -7.84 3.69
CA THR D 116 27.38 -8.40 2.42
C THR D 116 28.65 -9.18 2.69
N ARG D 117 28.69 -10.43 2.24
CA ARG D 117 29.82 -11.31 2.48
C ARG D 117 30.24 -11.97 1.18
N GLU D 118 31.56 -12.16 1.03
CA GLU D 118 32.13 -12.92 -0.07
C GLU D 118 33.28 -13.75 0.48
N ARG D 119 33.74 -14.71 -0.32
CA ARG D 119 34.75 -15.63 0.17
C ARG D 119 36.11 -14.93 0.28
N PRO D 120 36.86 -15.16 1.36
CA PRO D 120 38.19 -14.56 1.45
C PRO D 120 39.16 -15.16 0.44
N MET E 1 -27.59 -16.08 1.20
CA MET E 1 -26.83 -14.81 1.04
C MET E 1 -25.32 -15.03 1.13
N ASP E 2 -24.86 -16.25 0.87
CA ASP E 2 -23.44 -16.48 0.66
C ASP E 2 -23.01 -15.73 -0.60
N LYS E 3 -21.71 -15.50 -0.72
CA LYS E 3 -21.20 -14.63 -1.78
C LYS E 3 -19.95 -15.23 -2.41
N ILE E 4 -19.83 -15.04 -3.72
CA ILE E 4 -18.58 -15.20 -4.44
C ILE E 4 -18.12 -13.80 -4.83
N TYR E 5 -16.85 -13.50 -4.55
CA TYR E 5 -16.25 -12.24 -4.93
C TYR E 5 -15.17 -12.47 -5.98
N ILE E 6 -15.04 -11.51 -6.90
CA ILE E 6 -13.85 -11.36 -7.73
C ILE E 6 -13.41 -9.91 -7.56
N HIS E 7 -12.26 -9.71 -6.93
CA HIS E 7 -11.81 -8.38 -6.54
C HIS E 7 -10.82 -7.83 -7.54
N ASP E 8 -11.08 -6.60 -8.01
CA ASP E 8 -10.07 -5.80 -8.69
C ASP E 8 -9.62 -6.44 -10.00
N MET E 9 -10.56 -6.93 -10.80
CA MET E 9 -10.25 -7.32 -12.16
C MET E 9 -9.79 -6.09 -12.92
N GLU E 10 -8.74 -6.25 -13.72
CA GLU E 10 -8.17 -5.14 -14.48
C GLU E 10 -8.21 -5.47 -15.96
N PHE E 11 -8.71 -4.52 -16.75
CA PHE E 11 -8.82 -4.67 -18.19
C PHE E 11 -8.38 -3.37 -18.84
N TYR E 12 -7.97 -3.47 -20.10
CA TYR E 12 -7.77 -2.30 -20.95
C TYR E 12 -8.93 -2.23 -21.94
N GLY E 13 -9.60 -1.08 -21.99
CA GLY E 13 -10.76 -0.91 -22.83
C GLY E 13 -10.80 0.50 -23.42
N TYR E 14 -11.82 0.73 -24.24
CA TYR E 14 -11.92 1.96 -25.02
C TYR E 14 -13.25 2.67 -24.79
N HIS E 15 -13.92 2.38 -23.69
CA HIS E 15 -15.18 3.03 -23.37
C HIS E 15 -14.95 4.50 -23.04
N GLY E 16 -16.00 5.29 -23.17
CA GLY E 16 -15.94 6.70 -22.85
C GLY E 16 -16.84 7.51 -23.74
N VAL E 17 -17.23 8.68 -23.24
CA VAL E 17 -18.10 9.57 -24.00
C VAL E 17 -17.32 10.31 -25.08
N PHE E 18 -16.08 10.67 -24.80
CA PHE E 18 -15.31 11.47 -25.75
C PHE E 18 -14.68 10.56 -26.80
N PRO E 19 -14.75 10.93 -28.08
CA PRO E 19 -14.10 10.11 -29.11
C PRO E 19 -12.63 9.85 -28.82
N GLU E 20 -11.94 10.84 -28.23
CA GLU E 20 -10.53 10.66 -27.91
C GLU E 20 -10.31 9.45 -27.01
N GLU E 21 -11.25 9.16 -26.11
CA GLU E 21 -11.12 7.98 -25.27
C GLU E 21 -11.25 6.71 -26.09
N ASN E 22 -12.20 6.69 -27.03
CA ASN E 22 -12.42 5.49 -27.85
C ASN E 22 -11.19 5.14 -28.67
N LYS E 23 -10.30 6.10 -28.94
CA LYS E 23 -9.09 5.82 -29.70
C LYS E 23 -7.95 5.36 -28.80
N LEU E 24 -7.71 6.08 -27.70
CA LEU E 24 -6.55 5.80 -26.85
C LEU E 24 -6.79 4.61 -25.94
N GLY E 25 -7.99 4.48 -25.38
CA GLY E 25 -8.25 3.48 -24.38
C GLY E 25 -7.69 3.89 -23.03
N GLN E 26 -8.01 3.10 -22.01
CA GLN E 26 -7.57 3.36 -20.65
C GLN E 26 -7.85 2.13 -19.81
N ARG E 27 -7.38 2.17 -18.58
CA ARG E 27 -7.65 1.09 -17.64
C ARG E 27 -9.11 1.12 -17.20
N PHE E 28 -9.66 -0.07 -16.98
CA PHE E 28 -10.94 -0.22 -16.31
C PHE E 28 -10.80 -1.37 -15.32
N LYS E 29 -11.39 -1.20 -14.15
CA LYS E 29 -11.38 -2.22 -13.12
C LYS E 29 -12.82 -2.57 -12.75
N VAL E 30 -13.03 -3.82 -12.34
CA VAL E 30 -14.34 -4.30 -11.98
C VAL E 30 -14.24 -5.09 -10.67
N ASP E 31 -15.18 -4.82 -9.77
CA ASP E 31 -15.40 -5.64 -8.58
C ASP E 31 -16.75 -6.33 -8.75
N LEU E 32 -16.76 -7.66 -8.66
CA LEU E 32 -17.96 -8.45 -8.85
C LEU E 32 -18.32 -9.14 -7.54
N THR E 33 -19.61 -9.10 -7.21
CA THR E 33 -20.17 -9.88 -6.10
C THR E 33 -21.45 -10.53 -6.59
N VAL E 34 -21.54 -11.85 -6.44
CA VAL E 34 -22.75 -12.61 -6.78
C VAL E 34 -23.20 -13.34 -5.53
N GLU E 35 -24.52 -13.39 -5.33
CA GLU E 35 -25.12 -13.98 -4.14
C GLU E 35 -25.85 -15.26 -4.52
N LEU E 36 -25.64 -16.31 -3.74
CA LEU E 36 -26.18 -17.64 -4.02
C LEU E 36 -25.95 -18.50 -2.79
N ASP E 37 -26.48 -19.72 -2.83
CA ASP E 37 -26.33 -20.67 -1.73
C ASP E 37 -25.07 -21.50 -1.96
N LEU E 38 -24.12 -21.43 -1.03
CA LEU E 38 -22.90 -22.20 -1.11
C LEU E 38 -22.87 -23.35 -0.11
N LYS E 39 -23.94 -23.55 0.66
CA LYS E 39 -23.96 -24.64 1.64
C LYS E 39 -23.83 -25.99 0.96
N ARG E 40 -24.67 -26.26 -0.05
CA ARG E 40 -24.61 -27.53 -0.75
C ARG E 40 -23.22 -27.78 -1.31
N ALA E 41 -22.59 -26.74 -1.86
CA ALA E 41 -21.24 -26.90 -2.41
C ALA E 41 -20.22 -27.13 -1.28
N GLY E 42 -20.39 -26.44 -0.16
CA GLY E 42 -19.46 -26.61 0.95
C GLY E 42 -19.56 -27.96 1.62
N GLU E 43 -20.75 -28.53 1.68
CA GLU E 43 -20.92 -29.85 2.28
C GLU E 43 -20.40 -30.95 1.38
N SER E 44 -20.56 -30.79 0.06
CA SER E 44 -20.25 -31.83 -0.90
C SER E 44 -18.89 -31.70 -1.55
N ASP E 45 -18.29 -30.51 -1.52
CA ASP E 45 -17.05 -30.25 -2.27
C ASP E 45 -17.24 -30.52 -3.76
N ASP E 46 -18.44 -30.26 -4.26
CA ASP E 46 -18.82 -30.58 -5.65
C ASP E 46 -19.07 -29.27 -6.39
N LEU E 47 -18.21 -28.97 -7.36
CA LEU E 47 -18.30 -27.69 -8.07
C LEU E 47 -19.63 -27.50 -8.77
N GLU E 48 -20.39 -28.58 -9.02
CA GLU E 48 -21.66 -28.44 -9.72
C GLU E 48 -22.74 -27.77 -8.87
N HIS E 49 -22.51 -27.62 -7.57
CA HIS E 49 -23.47 -26.95 -6.68
C HIS E 49 -23.13 -25.48 -6.47
N SER E 50 -22.16 -24.95 -7.20
CA SER E 50 -21.82 -23.53 -7.14
C SER E 50 -21.72 -22.96 -8.55
N VAL E 51 -20.90 -21.94 -8.73
CA VAL E 51 -20.64 -21.35 -10.05
C VAL E 51 -19.14 -21.18 -10.19
N ASN E 52 -18.56 -21.76 -11.24
CA ASN E 52 -17.14 -21.62 -11.54
C ASN E 52 -16.77 -20.15 -11.64
N TYR E 53 -15.98 -19.63 -10.70
CA TYR E 53 -15.62 -18.22 -10.75
C TYR E 53 -14.76 -17.90 -11.97
N GLY E 54 -14.12 -18.89 -12.58
CA GLY E 54 -13.38 -18.64 -13.81
C GLY E 54 -14.29 -18.20 -14.93
N GLU E 55 -15.49 -18.77 -15.00
CA GLU E 55 -16.46 -18.33 -16.01
C GLU E 55 -16.95 -16.93 -15.72
N LEU E 56 -17.16 -16.59 -14.44
CA LEU E 56 -17.59 -15.24 -14.10
C LEU E 56 -16.55 -14.21 -14.56
N PHE E 57 -15.27 -14.49 -14.35
CA PHE E 57 -14.24 -13.58 -14.82
C PHE E 57 -14.30 -13.42 -16.34
N GLU E 58 -14.40 -14.53 -17.06
CA GLU E 58 -14.50 -14.46 -18.51
C GLU E 58 -15.72 -13.64 -18.94
N LEU E 59 -16.85 -13.85 -18.25
CA LEU E 59 -18.04 -13.05 -18.55
C LEU E 59 -17.75 -11.57 -18.41
N CYS E 60 -16.96 -11.19 -17.39
CA CYS E 60 -16.64 -9.78 -17.18
C CYS E 60 -15.63 -9.30 -18.22
N ARG E 61 -14.64 -10.12 -18.55
CA ARG E 61 -13.69 -9.76 -19.61
C ARG E 61 -14.41 -9.47 -20.92
N LYS E 62 -15.39 -10.32 -21.26
CA LYS E 62 -16.14 -10.13 -22.50
C LYS E 62 -16.69 -8.72 -22.61
N VAL E 63 -17.32 -8.25 -21.54
CA VAL E 63 -18.04 -6.97 -21.61
C VAL E 63 -17.06 -5.80 -21.66
N VAL E 64 -15.96 -5.89 -20.93
CA VAL E 64 -15.07 -4.74 -20.83
C VAL E 64 -14.12 -4.67 -22.02
N GLU E 65 -13.63 -5.82 -22.50
CA GLU E 65 -12.61 -5.84 -23.53
C GLU E 65 -13.14 -6.07 -24.93
N ASP E 66 -14.22 -6.84 -25.11
CA ASP E 66 -14.75 -7.15 -26.43
C ASP E 66 -15.90 -6.23 -26.83
N ARG E 67 -16.19 -5.20 -26.05
CA ARG E 67 -17.26 -4.26 -26.35
C ARG E 67 -16.79 -2.86 -26.03
N THR E 68 -17.49 -1.87 -26.58
CA THR E 68 -17.21 -0.47 -26.30
C THR E 68 -18.53 0.26 -26.12
N TYR E 69 -18.73 0.83 -24.94
CA TYR E 69 -19.88 1.66 -24.62
C TYR E 69 -19.42 3.07 -24.37
N LYS E 70 -20.39 3.99 -24.28
CA LYS E 70 -20.09 5.36 -23.90
C LYS E 70 -19.97 5.51 -22.39
N LEU E 71 -20.87 4.86 -21.64
CA LEU E 71 -20.94 5.00 -20.19
C LEU E 71 -20.47 3.74 -19.49
N VAL E 72 -19.78 3.92 -18.36
CA VAL E 72 -19.49 2.79 -17.49
C VAL E 72 -20.76 2.18 -16.94
N GLU E 73 -21.85 2.96 -16.86
CA GLU E 73 -23.14 2.41 -16.48
C GLU E 73 -23.53 1.25 -17.38
N SER E 74 -23.27 1.38 -18.68
CA SER E 74 -23.64 0.32 -19.62
C SER E 74 -22.78 -0.93 -19.41
N ILE E 75 -21.52 -0.76 -19.02
CA ILE E 75 -20.69 -1.91 -18.69
C ILE E 75 -21.31 -2.69 -17.54
N ALA E 76 -21.65 -1.98 -16.46
CA ALA E 76 -22.19 -2.64 -15.28
C ALA E 76 -23.51 -3.34 -15.58
N GLU E 77 -24.42 -2.66 -16.29
CA GLU E 77 -25.72 -3.24 -16.57
C GLU E 77 -25.59 -4.50 -17.41
N ASN E 78 -24.64 -4.52 -18.35
CA ASN E 78 -24.49 -5.67 -19.23
C ASN E 78 -23.81 -6.84 -18.52
N ILE E 79 -22.89 -6.59 -17.60
CA ILE E 79 -22.33 -7.67 -16.79
C ILE E 79 -23.44 -8.29 -15.94
N ALA E 80 -24.26 -7.45 -15.30
CA ALA E 80 -25.33 -7.97 -14.45
C ALA E 80 -26.35 -8.76 -15.27
N THR E 81 -26.74 -8.23 -16.42
CA THR E 81 -27.73 -8.92 -17.25
C THR E 81 -27.22 -10.28 -17.71
N ASP E 82 -25.97 -10.35 -18.15
CA ASP E 82 -25.44 -11.62 -18.63
C ASP E 82 -25.25 -12.62 -17.49
N ILE E 83 -25.00 -12.13 -16.26
CA ILE E 83 -24.88 -13.03 -15.13
C ILE E 83 -26.24 -13.65 -14.81
N LEU E 84 -27.28 -12.82 -14.67
CA LEU E 84 -28.58 -13.32 -14.29
C LEU E 84 -29.23 -14.12 -15.42
N LYS E 85 -28.86 -13.83 -16.67
CA LYS E 85 -29.39 -14.62 -17.79
C LYS E 85 -28.76 -16.01 -17.82
N GLN E 86 -27.50 -16.13 -17.43
CA GLN E 86 -26.76 -17.37 -17.62
C GLN E 86 -26.78 -18.29 -16.42
N TYR E 87 -26.93 -17.76 -15.20
CA TYR E 87 -26.80 -18.55 -13.97
C TYR E 87 -28.08 -18.45 -13.15
N GLU E 88 -28.90 -19.51 -13.21
CA GLU E 88 -30.14 -19.54 -12.44
C GLU E 88 -29.87 -19.51 -10.94
N SER E 89 -28.78 -20.15 -10.50
CA SER E 89 -28.50 -20.26 -9.07
C SER E 89 -28.18 -18.92 -8.43
N ILE E 90 -27.76 -17.92 -9.21
CA ILE E 90 -27.43 -16.61 -8.66
C ILE E 90 -28.71 -15.81 -8.53
N SER E 91 -29.05 -15.42 -7.30
CA SER E 91 -30.27 -14.68 -7.04
C SER E 91 -30.08 -13.17 -7.12
N ARG E 92 -28.84 -12.69 -7.01
CA ARG E 92 -28.56 -11.25 -7.01
C ARG E 92 -27.07 -11.05 -7.20
N CYS E 93 -26.71 -9.91 -7.80
CA CYS E 93 -25.32 -9.59 -8.02
C CYS E 93 -25.12 -8.09 -7.90
N THR E 94 -23.92 -7.69 -7.46
CA THR E 94 -23.53 -6.30 -7.32
C THR E 94 -22.27 -6.09 -8.13
N ILE E 95 -22.29 -5.12 -9.04
CA ILE E 95 -21.19 -4.86 -9.97
C ILE E 95 -20.71 -3.44 -9.76
N LYS E 96 -19.42 -3.29 -9.46
CA LYS E 96 -18.76 -2.00 -9.35
C LYS E 96 -17.78 -1.90 -10.52
N VAL E 97 -17.97 -0.90 -11.37
CA VAL E 97 -17.08 -0.64 -12.50
C VAL E 97 -16.30 0.62 -12.19
N ILE E 98 -14.97 0.51 -12.20
CA ILE E 98 -14.07 1.56 -11.77
C ILE E 98 -13.35 2.11 -12.99
N LYS E 99 -13.28 3.44 -13.09
CA LYS E 99 -12.43 4.13 -14.06
C LYS E 99 -11.35 4.84 -13.27
N PRO E 100 -10.14 4.27 -13.15
CA PRO E 100 -9.13 4.88 -12.28
C PRO E 100 -8.43 6.09 -12.88
N ASP E 101 -8.42 6.24 -14.20
CA ASP E 101 -7.66 7.30 -14.87
C ASP E 101 -8.55 8.05 -15.85
N PRO E 102 -9.67 8.60 -15.38
CA PRO E 102 -10.57 9.33 -16.29
C PRO E 102 -9.94 10.65 -16.72
N PRO E 103 -10.46 11.26 -17.79
CA PRO E 103 -9.96 12.58 -18.23
C PRO E 103 -10.57 13.73 -17.45
N ILE E 104 -10.34 13.75 -16.14
CA ILE E 104 -10.80 14.83 -15.27
C ILE E 104 -9.58 15.59 -14.78
N PRO E 105 -9.44 16.88 -15.10
CA PRO E 105 -8.29 17.65 -14.59
C PRO E 105 -8.39 17.82 -13.08
N GLY E 106 -7.68 16.99 -12.33
CA GLY E 106 -7.73 17.07 -10.89
C GLY E 106 -6.92 15.96 -10.27
N HIS E 107 -7.23 15.65 -9.00
CA HIS E 107 -6.50 14.65 -8.24
C HIS E 107 -7.48 13.83 -7.43
N TYR E 108 -7.43 12.52 -7.61
CA TYR E 108 -8.42 11.61 -7.05
C TYR E 108 -7.89 10.20 -7.30
N ARG E 109 -8.54 9.22 -6.67
CA ARG E 109 -8.14 7.83 -6.89
C ARG E 109 -8.89 7.18 -8.03
N ALA E 110 -10.20 7.42 -8.15
CA ALA E 110 -10.98 6.78 -9.21
C ALA E 110 -12.41 7.30 -9.15
N VAL E 111 -13.13 7.10 -10.25
CA VAL E 111 -14.58 7.21 -10.28
C VAL E 111 -15.15 5.82 -10.54
N ALA E 112 -16.43 5.64 -10.22
CA ALA E 112 -17.02 4.32 -10.33
C ALA E 112 -18.53 4.42 -10.26
N VAL E 113 -19.20 3.45 -10.86
CA VAL E 113 -20.63 3.23 -10.69
C VAL E 113 -20.82 1.85 -10.07
N GLU E 114 -21.89 1.70 -9.29
CA GLU E 114 -22.19 0.43 -8.65
C GLU E 114 -23.69 0.18 -8.71
N ILE E 115 -24.08 -0.98 -9.23
CA ILE E 115 -25.47 -1.36 -9.34
C ILE E 115 -25.66 -2.72 -8.68
N THR E 116 -26.87 -2.94 -8.17
CA THR E 116 -27.30 -4.24 -7.66
C THR E 116 -28.54 -4.67 -8.45
N ARG E 117 -28.54 -5.91 -8.93
CA ARG E 117 -29.63 -6.42 -9.74
C ARG E 117 -30.04 -7.80 -9.30
N GLU E 118 -31.33 -8.07 -9.39
CA GLU E 118 -31.90 -9.39 -9.18
C GLU E 118 -32.98 -9.59 -10.24
N ARG E 119 -33.54 -10.78 -10.28
CA ARG E 119 -34.61 -11.02 -11.25
C ARG E 119 -35.91 -10.42 -10.75
N PRO E 120 -36.62 -9.61 -11.56
CA PRO E 120 -37.85 -8.96 -11.10
C PRO E 120 -38.90 -9.94 -10.60
N MET F 1 24.13 6.63 -17.77
CA MET F 1 23.52 7.76 -18.52
C MET F 1 22.01 7.84 -18.23
N ASP F 2 21.25 8.51 -19.08
CA ASP F 2 19.82 8.66 -18.88
C ASP F 2 19.12 7.30 -19.04
N LYS F 3 17.85 7.26 -18.64
CA LYS F 3 17.17 5.99 -18.48
C LYS F 3 15.70 6.09 -18.84
N ILE F 4 15.17 5.02 -19.43
CA ILE F 4 13.74 4.83 -19.62
C ILE F 4 13.32 3.63 -18.77
N TYR F 5 12.27 3.81 -17.98
CA TYR F 5 11.75 2.77 -17.11
C TYR F 5 10.37 2.32 -17.58
N ILE F 6 10.12 1.02 -17.50
CA ILE F 6 8.77 0.47 -17.56
C ILE F 6 8.60 -0.35 -16.28
N HIS F 7 7.73 0.13 -15.40
CA HIS F 7 7.63 -0.41 -14.04
C HIS F 7 6.50 -1.41 -13.95
N ASP F 8 6.82 -2.62 -13.50
CA ASP F 8 5.82 -3.57 -13.01
C ASP F 8 4.84 -3.99 -14.09
N MET F 9 5.34 -4.25 -15.30
CA MET F 9 4.52 -4.90 -16.31
C MET F 9 4.05 -6.24 -15.77
N GLU F 10 2.78 -6.57 -15.97
CA GLU F 10 2.21 -7.81 -15.50
C GLU F 10 1.71 -8.64 -16.68
N PHE F 11 2.13 -9.90 -16.72
CA PHE F 11 1.71 -10.84 -17.75
C PHE F 11 1.27 -12.13 -17.09
N TYR F 12 0.45 -12.89 -17.79
CA TYR F 12 0.13 -14.27 -17.41
C TYR F 12 0.87 -15.19 -18.38
N GLY F 13 1.73 -16.05 -17.83
CA GLY F 13 2.59 -16.89 -18.63
C GLY F 13 2.56 -18.33 -18.13
N TYR F 14 3.31 -19.17 -18.84
CA TYR F 14 3.32 -20.61 -18.57
C TYR F 14 4.72 -21.15 -18.36
N HIS F 15 5.68 -20.26 -18.10
CA HIS F 15 7.04 -20.68 -17.83
C HIS F 15 7.10 -21.41 -16.50
N GLY F 16 8.12 -22.27 -16.37
CA GLY F 16 8.31 -23.01 -15.15
C GLY F 16 9.09 -24.29 -15.34
N VAL F 17 9.74 -24.74 -14.29
CA VAL F 17 10.50 -25.99 -14.34
C VAL F 17 9.57 -27.20 -14.28
N PHE F 18 8.46 -27.10 -13.55
CA PHE F 18 7.57 -28.24 -13.37
C PHE F 18 6.51 -28.26 -14.47
N PRO F 19 6.26 -29.41 -15.11
CA PRO F 19 5.18 -29.45 -16.11
C PRO F 19 3.84 -28.97 -15.59
N GLU F 20 3.55 -29.14 -14.29
CA GLU F 20 2.30 -28.64 -13.74
C GLU F 20 2.19 -27.13 -13.93
N GLU F 21 3.30 -26.41 -13.75
CA GLU F 21 3.29 -24.97 -13.99
C GLU F 21 3.00 -24.67 -15.46
N ASN F 22 3.51 -25.51 -16.36
CA ASN F 22 3.47 -25.18 -17.79
C ASN F 22 2.05 -25.18 -18.36
N LYS F 23 1.09 -25.80 -17.67
CA LYS F 23 -0.29 -25.77 -18.13
C LYS F 23 -1.24 -24.99 -17.24
N LEU F 24 -0.90 -24.78 -15.97
CA LEU F 24 -1.72 -23.92 -15.12
C LEU F 24 -1.47 -22.45 -15.43
N GLY F 25 -0.20 -22.06 -15.61
CA GLY F 25 0.15 -20.67 -15.74
C GLY F 25 0.24 -20.00 -14.39
N GLN F 26 0.63 -18.72 -14.42
CA GLN F 26 0.73 -17.91 -13.22
C GLN F 26 1.18 -16.51 -13.64
N ARG F 27 1.16 -15.60 -12.66
CA ARG F 27 1.57 -14.23 -12.92
C ARG F 27 3.08 -14.13 -13.13
N PHE F 28 3.49 -13.20 -13.99
CA PHE F 28 4.89 -12.81 -14.13
C PHE F 28 4.93 -11.31 -14.25
N LYS F 29 5.91 -10.69 -13.60
CA LYS F 29 6.12 -9.25 -13.70
C LYS F 29 7.52 -8.97 -14.25
N VAL F 30 7.67 -7.81 -14.88
CA VAL F 30 8.93 -7.39 -15.47
C VAL F 30 9.15 -5.93 -15.14
N ASP F 31 10.33 -5.62 -14.60
CA ASP F 31 10.80 -4.25 -14.43
C ASP F 31 11.90 -4.04 -15.47
N LEU F 32 11.70 -3.05 -16.34
CA LEU F 32 12.62 -2.80 -17.44
C LEU F 32 13.30 -1.45 -17.25
N THR F 33 14.63 -1.45 -17.34
CA THR F 33 15.42 -0.24 -17.43
C THR F 33 16.32 -0.33 -18.65
N VAL F 34 16.34 0.73 -19.46
CA VAL F 34 17.27 0.85 -20.56
C VAL F 34 18.01 2.18 -20.43
N GLU F 35 19.28 2.17 -20.82
CA GLU F 35 20.14 3.34 -20.69
C GLU F 35 20.53 3.83 -22.07
N LEU F 36 20.40 5.14 -22.28
CA LEU F 36 20.64 5.77 -23.57
C LEU F 36 20.75 7.26 -23.34
N ASP F 37 21.14 7.99 -24.39
CA ASP F 37 21.25 9.44 -24.31
C ASP F 37 19.91 10.06 -24.69
N LEU F 38 19.25 10.66 -23.71
CA LEU F 38 17.98 11.34 -23.93
C LEU F 38 18.14 12.85 -24.12
N LYS F 39 19.39 13.32 -24.19
CA LYS F 39 19.64 14.75 -24.34
C LYS F 39 19.06 15.27 -25.65
N ARG F 40 19.32 14.55 -26.75
CA ARG F 40 18.73 14.89 -28.03
C ARG F 40 17.22 15.13 -27.91
N ALA F 41 16.48 14.09 -27.51
CA ALA F 41 15.03 14.18 -27.49
C ALA F 41 14.55 15.30 -26.59
N GLY F 42 15.11 15.40 -25.38
CA GLY F 42 14.75 16.49 -24.49
C GLY F 42 14.89 17.85 -25.15
N GLU F 43 15.95 18.02 -25.95
CA GLU F 43 16.16 19.28 -26.65
C GLU F 43 15.14 19.44 -27.77
N SER F 44 14.96 18.40 -28.60
CA SER F 44 14.21 18.52 -29.84
C SER F 44 12.75 18.18 -29.71
N ASP F 45 12.35 17.42 -28.69
CA ASP F 45 10.98 16.94 -28.55
C ASP F 45 10.58 16.04 -29.72
N ASP F 46 11.57 15.40 -30.34
CA ASP F 46 11.36 14.51 -31.48
C ASP F 46 11.57 13.07 -31.01
N LEU F 47 10.55 12.23 -31.20
CA LEU F 47 10.62 10.86 -30.72
C LEU F 47 11.66 10.02 -31.45
N GLU F 48 12.06 10.44 -32.67
CA GLU F 48 13.05 9.66 -33.41
C GLU F 48 14.41 9.66 -32.73
N HIS F 49 14.66 10.58 -31.81
CA HIS F 49 15.91 10.61 -31.07
C HIS F 49 15.84 9.86 -29.75
N SER F 50 14.75 9.15 -29.51
CA SER F 50 14.62 8.34 -28.30
C SER F 50 14.16 6.94 -28.73
N VAL F 51 13.58 6.20 -27.80
CA VAL F 51 13.04 4.87 -28.06
C VAL F 51 11.59 4.85 -27.59
N ASN F 52 10.67 4.54 -28.49
CA ASN F 52 9.25 4.48 -28.18
C ASN F 52 9.01 3.46 -27.07
N TYR F 53 8.56 3.93 -25.90
CA TYR F 53 8.39 3.03 -24.77
C TYR F 53 7.31 1.99 -25.03
N GLY F 54 6.37 2.27 -25.93
CA GLY F 54 5.38 1.26 -26.28
C GLY F 54 5.99 0.06 -26.99
N GLU F 55 7.02 0.30 -27.81
CA GLU F 55 7.69 -0.80 -28.49
C GLU F 55 8.44 -1.68 -27.50
N LEU F 56 9.04 -1.07 -26.48
CA LEU F 56 9.72 -1.86 -25.44
C LEU F 56 8.73 -2.75 -24.71
N PHE F 57 7.53 -2.23 -24.41
CA PHE F 57 6.52 -3.06 -23.75
C PHE F 57 6.13 -4.25 -24.62
N GLU F 58 5.86 -4.00 -25.90
CA GLU F 58 5.49 -5.09 -26.80
C GLU F 58 6.60 -6.13 -26.89
N LEU F 59 7.85 -5.68 -26.92
CA LEU F 59 8.95 -6.64 -26.92
C LEU F 59 8.88 -7.56 -25.71
N CYS F 60 8.60 -7.01 -24.54
CA CYS F 60 8.52 -7.83 -23.33
C CYS F 60 7.32 -8.74 -23.37
N ARG F 61 6.18 -8.25 -23.87
CA ARG F 61 4.98 -9.07 -23.93
C ARG F 61 5.18 -10.28 -24.83
N LYS F 62 5.96 -10.14 -25.90
CA LYS F 62 6.21 -11.27 -26.79
C LYS F 62 6.96 -12.39 -26.06
N VAL F 63 8.02 -12.03 -25.33
CA VAL F 63 8.85 -13.04 -24.69
C VAL F 63 8.06 -13.74 -23.58
N VAL F 64 7.28 -12.98 -22.80
CA VAL F 64 6.67 -13.54 -21.61
C VAL F 64 5.40 -14.31 -21.94
N GLU F 65 4.59 -13.79 -22.87
CA GLU F 65 3.27 -14.37 -23.13
C GLU F 65 3.22 -15.26 -24.36
N ASP F 66 4.06 -15.02 -25.38
CA ASP F 66 4.00 -15.81 -26.61
C ASP F 66 4.94 -17.00 -26.60
N ARG F 67 5.73 -17.20 -25.56
CA ARG F 67 6.70 -18.28 -25.52
C ARG F 67 6.80 -18.82 -24.11
N THR F 68 7.40 -20.01 -23.99
CA THR F 68 7.44 -20.73 -22.73
C THR F 68 8.84 -21.28 -22.51
N TYR F 69 9.47 -20.88 -21.40
CA TYR F 69 10.77 -21.34 -20.97
C TYR F 69 10.62 -22.05 -19.63
N LYS F 70 11.66 -22.75 -19.23
CA LYS F 70 11.62 -23.42 -17.93
C LYS F 70 12.05 -22.49 -16.80
N LEU F 71 12.99 -21.58 -17.05
CA LEU F 71 13.53 -20.70 -16.03
C LEU F 71 13.17 -19.24 -16.32
N VAL F 72 13.01 -18.48 -15.23
CA VAL F 72 12.88 -17.03 -15.37
C VAL F 72 14.16 -16.43 -15.92
N GLU F 73 15.31 -17.04 -15.62
CA GLU F 73 16.57 -16.62 -16.20
C GLU F 73 16.46 -16.48 -17.71
N SER F 74 15.78 -17.42 -18.36
CA SER F 74 15.68 -17.40 -19.82
C SER F 74 14.80 -16.25 -20.29
N ILE F 75 13.75 -15.92 -19.54
CA ILE F 75 12.92 -14.77 -19.88
C ILE F 75 13.77 -13.51 -19.94
N ALA F 76 14.54 -13.26 -18.89
CA ALA F 76 15.33 -12.03 -18.81
C ALA F 76 16.38 -11.99 -19.91
N GLU F 77 17.08 -13.10 -20.12
CA GLU F 77 18.13 -13.13 -21.14
C GLU F 77 17.57 -12.85 -22.53
N ASN F 78 16.37 -13.35 -22.82
CA ASN F 78 15.79 -13.14 -24.14
C ASN F 78 15.26 -11.72 -24.32
N ILE F 79 14.70 -11.13 -23.25
CA ILE F 79 14.30 -9.74 -23.32
C ILE F 79 15.52 -8.85 -23.57
N ALA F 80 16.58 -9.08 -22.81
CA ALA F 80 17.80 -8.28 -22.97
C ALA F 80 18.38 -8.44 -24.37
N THR F 81 18.49 -9.69 -24.83
CA THR F 81 19.01 -9.92 -26.17
C THR F 81 18.17 -9.20 -27.22
N ASP F 82 16.85 -9.35 -27.15
CA ASP F 82 15.99 -8.71 -28.13
C ASP F 82 16.09 -7.18 -28.05
N ILE F 83 16.30 -6.64 -26.85
CA ILE F 83 16.39 -5.18 -26.73
C ILE F 83 17.68 -4.66 -27.34
N LEU F 84 18.83 -5.21 -26.92
CA LEU F 84 20.10 -4.71 -27.42
C LEU F 84 20.25 -4.94 -28.92
N LYS F 85 19.53 -5.89 -29.49
CA LYS F 85 19.68 -6.21 -30.91
C LYS F 85 18.84 -5.31 -31.81
N GLN F 86 17.80 -4.66 -31.28
CA GLN F 86 16.91 -3.85 -32.11
C GLN F 86 17.16 -2.35 -31.99
N TYR F 87 17.96 -1.90 -31.02
CA TYR F 87 18.15 -0.47 -30.78
C TYR F 87 19.63 -0.20 -30.54
N GLU F 88 20.27 0.44 -31.52
CA GLU F 88 21.67 0.84 -31.35
C GLU F 88 21.81 1.93 -30.31
N SER F 89 20.76 2.72 -30.08
CA SER F 89 20.84 3.84 -29.15
C SER F 89 20.96 3.37 -27.71
N ILE F 90 20.54 2.14 -27.39
CA ILE F 90 20.57 1.63 -26.03
C ILE F 90 21.91 0.98 -25.76
N SER F 91 22.64 1.49 -24.77
CA SER F 91 23.95 0.94 -24.43
C SER F 91 23.87 -0.16 -23.39
N ARG F 92 23.02 0.00 -22.36
CA ARG F 92 22.82 -1.04 -21.36
C ARG F 92 21.34 -1.13 -21.03
N CYS F 93 20.94 -2.31 -20.55
CA CYS F 93 19.59 -2.55 -20.07
C CYS F 93 19.65 -3.50 -18.89
N THR F 94 18.74 -3.31 -17.94
CA THR F 94 18.61 -4.17 -16.78
C THR F 94 17.20 -4.73 -16.77
N ILE F 95 17.09 -6.05 -16.70
CA ILE F 95 15.80 -6.75 -16.72
C ILE F 95 15.66 -7.50 -15.41
N LYS F 96 14.57 -7.24 -14.71
CA LYS F 96 14.21 -7.96 -13.49
C LYS F 96 12.91 -8.70 -13.78
N VAL F 97 12.94 -10.03 -13.69
CA VAL F 97 11.77 -10.86 -13.96
C VAL F 97 11.31 -11.43 -12.63
N ILE F 98 10.08 -11.08 -12.24
CA ILE F 98 9.53 -11.41 -10.94
C ILE F 98 8.50 -12.52 -11.10
N LYS F 99 8.59 -13.51 -10.23
CA LYS F 99 7.57 -14.56 -10.10
C LYS F 99 6.87 -14.32 -8.77
N PRO F 100 5.71 -13.68 -8.75
CA PRO F 100 5.10 -13.34 -7.46
C PRO F 100 4.47 -14.52 -6.74
N ASP F 101 4.02 -15.54 -7.47
CA ASP F 101 3.26 -16.65 -6.89
C ASP F 101 3.89 -17.99 -7.25
N PRO F 102 5.18 -18.18 -6.94
CA PRO F 102 5.82 -19.45 -7.27
C PRO F 102 5.31 -20.56 -6.37
N PRO F 103 5.55 -21.84 -6.72
CA PRO F 103 5.07 -22.96 -5.91
C PRO F 103 6.01 -23.33 -4.76
N ILE F 104 6.46 -22.33 -4.02
CA ILE F 104 7.29 -22.52 -2.84
C ILE F 104 6.38 -22.48 -1.61
N PRO F 105 6.27 -23.58 -0.86
CA PRO F 105 5.45 -23.52 0.36
C PRO F 105 6.09 -22.63 1.41
N GLY F 106 5.50 -21.47 1.67
CA GLY F 106 6.07 -20.53 2.60
C GLY F 106 5.40 -19.17 2.45
N HIS F 107 6.05 -18.16 3.00
CA HIS F 107 5.51 -16.80 3.05
C HIS F 107 6.59 -15.83 2.60
N TYR F 108 6.28 -15.05 1.56
CA TYR F 108 7.23 -14.17 0.91
C TYR F 108 6.42 -13.32 -0.07
N ARG F 109 7.03 -12.24 -0.54
CA ARG F 109 6.36 -11.41 -1.53
C ARG F 109 6.62 -11.89 -2.96
N ALA F 110 7.84 -12.36 -3.25
CA ALA F 110 8.16 -12.76 -4.60
C ALA F 110 9.58 -13.28 -4.65
N VAL F 111 9.88 -14.03 -5.71
CA VAL F 111 11.25 -14.33 -6.12
C VAL F 111 11.49 -13.65 -7.46
N ALA F 112 12.76 -13.41 -7.76
CA ALA F 112 13.09 -12.68 -8.97
C ALA F 112 14.53 -12.92 -9.36
N VAL F 113 14.80 -12.78 -10.66
CA VAL F 113 16.15 -12.70 -11.18
C VAL F 113 16.33 -11.32 -11.80
N GLU F 114 17.53 -10.78 -11.68
CA GLU F 114 17.87 -9.50 -12.29
C GLU F 114 19.21 -9.64 -12.99
N ILE F 115 19.26 -9.25 -14.26
CA ILE F 115 20.48 -9.28 -15.05
C ILE F 115 20.72 -7.89 -15.62
N THR F 116 21.97 -7.64 -16.00
CA THR F 116 22.37 -6.41 -16.63
C THR F 116 23.24 -6.76 -17.83
N ARG F 117 22.87 -6.26 -19.01
CA ARG F 117 23.55 -6.62 -20.25
C ARG F 117 23.91 -5.37 -21.03
N GLU F 118 25.19 -5.24 -21.35
CA GLU F 118 25.68 -4.23 -22.29
C GLU F 118 26.21 -4.98 -23.50
N ARG F 119 27.12 -4.36 -24.26
CA ARG F 119 27.58 -4.98 -25.49
C ARG F 119 29.02 -5.47 -25.35
N PRO F 120 29.29 -6.77 -25.57
CA PRO F 120 30.63 -7.37 -25.45
C PRO F 120 31.58 -6.79 -26.48
N MET G 1 -30.26 1.90 -3.67
CA MET G 1 -30.28 2.11 -5.15
C MET G 1 -28.87 2.21 -5.74
N ASP G 2 -28.80 2.39 -7.06
CA ASP G 2 -27.51 2.44 -7.73
C ASP G 2 -26.74 3.68 -7.28
N LYS G 3 -25.42 3.62 -7.44
CA LYS G 3 -24.54 4.62 -6.85
C LYS G 3 -23.47 5.03 -7.84
N ILE G 4 -23.09 6.30 -7.75
CA ILE G 4 -21.89 6.83 -8.40
C ILE G 4 -20.93 7.23 -7.30
N TYR G 5 -19.68 6.78 -7.41
CA TYR G 5 -18.65 7.09 -6.44
C TYR G 5 -17.59 7.97 -7.07
N ILE G 6 -17.05 8.90 -6.29
CA ILE G 6 -15.75 9.50 -6.55
C ILE G 6 -14.88 9.22 -5.33
N HIS G 7 -13.84 8.44 -5.51
CA HIS G 7 -13.03 7.95 -4.41
C HIS G 7 -11.79 8.82 -4.25
N ASP G 8 -11.61 9.37 -3.05
CA ASP G 8 -10.33 9.91 -2.62
C ASP G 8 -9.92 11.15 -3.40
N MET G 9 -10.88 12.05 -3.66
CA MET G 9 -10.54 13.35 -4.20
C MET G 9 -9.60 14.07 -3.22
N GLU G 10 -8.55 14.68 -3.75
CA GLU G 10 -7.58 15.38 -2.92
C GLU G 10 -7.51 16.84 -3.32
N PHE G 11 -7.55 17.72 -2.33
CA PHE G 11 -7.49 19.16 -2.53
C PHE G 11 -6.53 19.76 -1.52
N TYR G 12 -6.17 21.02 -1.76
CA TYR G 12 -5.46 21.84 -0.78
C TYR G 12 -6.40 22.96 -0.36
N GLY G 13 -6.69 23.04 0.94
CA GLY G 13 -7.62 24.01 1.46
C GLY G 13 -7.07 24.69 2.70
N TYR G 14 -7.85 25.66 3.20
CA TYR G 14 -7.43 26.49 4.32
C TYR G 14 -8.43 26.46 5.45
N HIS G 15 -9.24 25.41 5.53
CA HIS G 15 -10.21 25.27 6.60
C HIS G 15 -9.51 24.88 7.89
N GLY G 16 -10.22 25.04 8.99
CA GLY G 16 -9.69 24.73 10.31
C GLY G 16 -10.11 25.81 11.30
N VAL G 17 -10.21 25.42 12.57
CA VAL G 17 -10.63 26.38 13.60
C VAL G 17 -9.47 27.22 14.12
N PHE G 18 -8.23 26.76 13.97
CA PHE G 18 -7.09 27.56 14.40
C PHE G 18 -6.69 28.53 13.30
N PRO G 19 -6.51 29.82 13.60
CA PRO G 19 -6.09 30.76 12.56
C PRO G 19 -4.82 30.34 11.83
N GLU G 20 -3.94 29.58 12.50
CA GLU G 20 -2.72 29.12 11.85
C GLU G 20 -3.03 28.15 10.72
N GLU G 21 -4.14 27.40 10.83
CA GLU G 21 -4.55 26.53 9.73
C GLU G 21 -5.06 27.36 8.55
N ASN G 22 -5.80 28.44 8.83
CA ASN G 22 -6.32 29.29 7.77
C ASN G 22 -5.21 29.95 6.96
N LYS G 23 -4.01 30.05 7.54
CA LYS G 23 -2.87 30.66 6.86
C LYS G 23 -2.03 29.64 6.12
N LEU G 24 -1.74 28.51 6.75
CA LEU G 24 -0.86 27.52 6.13
C LEU G 24 -1.59 26.66 5.12
N GLY G 25 -2.83 26.26 5.43
CA GLY G 25 -3.56 25.30 4.62
C GLY G 25 -3.01 23.91 4.86
N GLN G 26 -3.72 22.91 4.29
CA GLN G 26 -3.33 21.51 4.47
C GLN G 26 -4.11 20.68 3.45
N ARG G 27 -3.73 19.42 3.33
CA ARG G 27 -4.46 18.50 2.46
C ARG G 27 -5.89 18.31 2.97
N PHE G 28 -6.82 18.16 2.04
CA PHE G 28 -8.18 17.74 2.35
C PHE G 28 -8.60 16.70 1.33
N LYS G 29 -9.31 15.68 1.78
CA LYS G 29 -9.78 14.60 0.91
C LYS G 29 -11.28 14.47 1.05
N VAL G 30 -11.91 13.98 -0.01
CA VAL G 30 -13.36 13.81 -0.07
C VAL G 30 -13.69 12.49 -0.75
N ASP G 31 -14.58 11.72 -0.14
CA ASP G 31 -15.17 10.54 -0.75
C ASP G 31 -16.64 10.88 -1.02
N LEU G 32 -17.06 10.74 -2.27
CA LEU G 32 -18.39 11.14 -2.70
C LEU G 32 -19.17 9.91 -3.13
N THR G 33 -20.38 9.78 -2.62
CA THR G 33 -21.34 8.76 -3.05
C THR G 33 -22.67 9.46 -3.30
N VAL G 34 -23.21 9.29 -4.50
CA VAL G 34 -24.56 9.72 -4.83
C VAL G 34 -25.37 8.50 -5.25
N GLU G 35 -26.63 8.46 -4.84
CA GLU G 35 -27.54 7.38 -5.21
C GLU G 35 -28.57 7.88 -6.19
N LEU G 36 -28.90 7.06 -7.18
CA LEU G 36 -29.86 7.44 -8.21
C LEU G 36 -30.15 6.21 -9.07
N ASP G 37 -31.16 6.33 -9.92
CA ASP G 37 -31.52 5.27 -10.84
C ASP G 37 -30.58 5.33 -12.04
N LEU G 38 -29.79 4.26 -12.22
CA LEU G 38 -28.87 4.18 -13.34
C LEU G 38 -29.28 3.15 -14.39
N LYS G 39 -30.42 2.49 -14.20
CA LYS G 39 -30.85 1.48 -15.16
C LYS G 39 -31.01 2.08 -16.55
N ARG G 40 -31.72 3.22 -16.64
CA ARG G 40 -31.99 3.80 -17.95
C ARG G 40 -30.70 4.13 -18.69
N ALA G 41 -29.80 4.87 -18.04
CA ALA G 41 -28.50 5.13 -18.64
C ALA G 41 -27.82 3.83 -19.04
N GLY G 42 -27.99 2.78 -18.24
CA GLY G 42 -27.38 1.50 -18.56
C GLY G 42 -27.92 0.90 -19.85
N GLU G 43 -29.25 0.93 -20.04
CA GLU G 43 -29.83 0.32 -21.23
C GLU G 43 -29.69 1.20 -22.46
N SER G 44 -29.68 2.53 -22.27
CA SER G 44 -29.60 3.45 -23.40
C SER G 44 -28.18 3.86 -23.74
N ASP G 45 -27.25 3.76 -22.79
CA ASP G 45 -25.89 4.26 -22.99
C ASP G 45 -25.88 5.77 -23.21
N ASP G 46 -26.85 6.47 -22.62
CA ASP G 46 -27.03 7.91 -22.81
C ASP G 46 -26.74 8.64 -21.51
N LEU G 47 -25.72 9.50 -21.54
CA LEU G 47 -25.31 10.22 -20.33
C LEU G 47 -26.42 11.10 -19.79
N GLU G 48 -27.30 11.60 -20.67
CA GLU G 48 -28.37 12.50 -20.23
C GLU G 48 -29.34 11.81 -19.28
N HIS G 49 -29.34 10.48 -19.24
CA HIS G 49 -30.10 9.73 -18.24
C HIS G 49 -29.30 9.48 -16.97
N SER G 50 -28.17 10.16 -16.80
CA SER G 50 -27.35 10.00 -15.60
C SER G 50 -26.82 11.38 -15.23
N VAL G 51 -25.78 11.42 -14.40
CA VAL G 51 -25.15 12.65 -13.95
C VAL G 51 -23.68 12.59 -14.32
N ASN G 52 -23.17 13.65 -14.95
CA ASN G 52 -21.77 13.71 -15.33
C ASN G 52 -20.90 13.70 -14.08
N TYR G 53 -20.11 12.64 -13.89
CA TYR G 53 -19.29 12.55 -12.69
C TYR G 53 -18.23 13.65 -12.63
N GLY G 54 -17.88 14.25 -13.78
CA GLY G 54 -16.95 15.36 -13.77
C GLY G 54 -17.55 16.62 -13.17
N GLU G 55 -18.84 16.83 -13.41
CA GLU G 55 -19.53 17.95 -12.78
C GLU G 55 -19.55 17.78 -11.26
N LEU G 56 -19.76 16.54 -10.80
CA LEU G 56 -19.74 16.28 -9.36
C LEU G 56 -18.38 16.61 -8.77
N PHE G 57 -17.29 16.25 -9.46
CA PHE G 57 -15.96 16.60 -8.96
C PHE G 57 -15.80 18.11 -8.82
N GLU G 58 -16.13 18.85 -9.89
CA GLU G 58 -15.97 20.30 -9.85
C GLU G 58 -16.80 20.90 -8.72
N LEU G 59 -18.00 20.35 -8.48
CA LEU G 59 -18.83 20.82 -7.38
C LEU G 59 -18.12 20.64 -6.04
N CYS G 60 -17.44 19.51 -5.86
CA CYS G 60 -16.70 19.30 -4.63
C CYS G 60 -15.47 20.18 -4.55
N ARG G 61 -14.86 20.47 -5.70
CA ARG G 61 -13.63 21.26 -5.71
C ARG G 61 -13.89 22.68 -5.21
N LYS G 62 -14.98 23.30 -5.67
CA LYS G 62 -15.27 24.67 -5.24
C LYS G 62 -15.37 24.75 -3.72
N VAL G 63 -16.21 23.90 -3.12
CA VAL G 63 -16.45 23.97 -1.69
C VAL G 63 -15.15 23.86 -0.92
N VAL G 64 -14.26 22.97 -1.36
CA VAL G 64 -13.05 22.69 -0.59
C VAL G 64 -11.98 23.74 -0.84
N GLU G 65 -11.85 24.21 -2.08
CA GLU G 65 -10.72 25.06 -2.46
C GLU G 65 -11.07 26.53 -2.65
N ASP G 66 -12.33 26.85 -2.95
CA ASP G 66 -12.73 28.23 -3.19
C ASP G 66 -13.43 28.86 -2.00
N ARG G 67 -13.50 28.16 -0.87
CA ARG G 67 -14.14 28.66 0.32
C ARG G 67 -13.31 28.27 1.52
N THR G 68 -13.54 28.96 2.64
CA THR G 68 -12.84 28.66 3.89
C THR G 68 -13.86 28.59 5.01
N TYR G 69 -13.91 27.45 5.68
CA TYR G 69 -14.77 27.22 6.81
C TYR G 69 -13.91 26.81 8.00
N LYS G 70 -14.48 26.90 9.19
CA LYS G 70 -13.76 26.44 10.37
C LYS G 70 -13.88 24.94 10.54
N LEU G 71 -15.04 24.38 10.21
CA LEU G 71 -15.33 22.96 10.45
C LEU G 71 -15.42 22.20 9.13
N VAL G 72 -14.83 21.00 9.12
CA VAL G 72 -15.07 20.08 8.02
C VAL G 72 -16.55 19.73 7.94
N GLU G 73 -17.27 19.83 9.06
CA GLU G 73 -18.72 19.68 9.04
C GLU G 73 -19.35 20.61 8.00
N SER G 74 -18.85 21.85 7.91
CA SER G 74 -19.41 22.81 6.96
C SER G 74 -19.09 22.40 5.52
N ILE G 75 -17.88 21.90 5.28
CA ILE G 75 -17.54 21.40 3.95
C ILE G 75 -18.53 20.32 3.53
N ALA G 76 -18.68 19.28 4.35
CA ALA G 76 -19.57 18.19 4.02
C ALA G 76 -20.99 18.69 3.79
N GLU G 77 -21.50 19.56 4.67
CA GLU G 77 -22.87 20.02 4.55
C GLU G 77 -23.08 20.85 3.29
N ASN G 78 -22.07 21.62 2.88
CA ASN G 78 -22.24 22.48 1.71
C ASN G 78 -22.14 21.69 0.41
N ILE G 79 -21.33 20.63 0.37
CA ILE G 79 -21.30 19.76 -0.81
C ILE G 79 -22.64 19.05 -0.96
N ALA G 80 -23.14 18.44 0.11
CA ALA G 80 -24.39 17.72 0.03
C ALA G 80 -25.54 18.64 -0.38
N THR G 81 -25.52 19.88 0.09
CA THR G 81 -26.56 20.83 -0.28
C THR G 81 -26.50 21.14 -1.77
N ASP G 82 -25.32 21.48 -2.28
CA ASP G 82 -25.19 21.83 -3.69
C ASP G 82 -25.54 20.66 -4.60
N ILE G 83 -25.28 19.42 -4.16
CA ILE G 83 -25.64 18.26 -4.96
C ILE G 83 -27.17 18.13 -5.04
N LEU G 84 -27.83 18.11 -3.88
CA LEU G 84 -29.28 17.94 -3.87
C LEU G 84 -30.00 19.14 -4.49
N LYS G 85 -29.40 20.34 -4.39
CA LYS G 85 -30.02 21.50 -5.02
C LYS G 85 -29.97 21.40 -6.54
N GLN G 86 -28.87 20.89 -7.09
CA GLN G 86 -28.62 20.97 -8.53
C GLN G 86 -28.98 19.71 -9.31
N TYR G 87 -29.12 18.56 -8.65
CA TYR G 87 -29.35 17.29 -9.33
C TYR G 87 -30.62 16.65 -8.77
N GLU G 88 -31.76 17.06 -9.34
CA GLU G 88 -33.05 16.48 -8.95
C GLU G 88 -33.06 14.96 -9.09
N SER G 89 -32.28 14.41 -10.02
CA SER G 89 -32.26 12.98 -10.23
C SER G 89 -31.65 12.22 -9.06
N ILE G 90 -30.85 12.90 -8.24
CA ILE G 90 -30.19 12.26 -7.09
C ILE G 90 -31.11 12.36 -5.89
N SER G 91 -31.46 11.22 -5.30
CA SER G 91 -32.34 11.18 -4.15
C SER G 91 -31.60 11.17 -2.82
N ARG G 92 -30.30 10.91 -2.81
CA ARG G 92 -29.55 10.83 -1.57
C ARG G 92 -28.07 10.81 -1.91
N CYS G 93 -27.25 11.35 -1.00
CA CYS G 93 -25.81 11.36 -1.17
C CYS G 93 -25.13 11.24 0.17
N THR G 94 -23.92 10.67 0.15
CA THR G 94 -23.09 10.52 1.35
C THR G 94 -21.76 11.19 1.08
N ILE G 95 -21.39 12.13 1.93
CA ILE G 95 -20.17 12.92 1.77
C ILE G 95 -19.26 12.62 2.95
N LYS G 96 -18.03 12.20 2.66
CA LYS G 96 -17.01 11.96 3.68
C LYS G 96 -15.87 12.94 3.43
N VAL G 97 -15.70 13.88 4.34
CA VAL G 97 -14.61 14.87 4.26
C VAL G 97 -13.52 14.42 5.21
N ILE G 98 -12.31 14.24 4.68
CA ILE G 98 -11.20 13.66 5.41
C ILE G 98 -10.14 14.72 5.62
N LYS G 99 -9.62 14.79 6.85
CA LYS G 99 -8.47 15.63 7.18
C LYS G 99 -7.31 14.69 7.51
N PRO G 100 -6.39 14.44 6.57
CA PRO G 100 -5.35 13.44 6.83
C PRO G 100 -4.23 13.92 7.75
N ASP G 101 -4.00 15.24 7.81
CA ASP G 101 -2.86 15.81 8.52
C ASP G 101 -3.33 16.88 9.51
N PRO G 102 -4.23 16.54 10.42
CA PRO G 102 -4.71 17.54 11.38
C PRO G 102 -3.62 17.92 12.37
N PRO G 103 -3.78 19.04 13.06
CA PRO G 103 -2.79 19.44 14.09
C PRO G 103 -3.05 18.79 15.43
N ILE G 104 -2.98 17.45 15.47
CA ILE G 104 -3.20 16.69 16.68
C ILE G 104 -1.89 16.00 17.06
N PRO G 105 -1.25 16.36 18.17
CA PRO G 105 -0.03 15.64 18.58
C PRO G 105 -0.32 14.17 18.83
N GLY G 106 0.16 13.31 17.95
CA GLY G 106 -0.11 11.89 18.04
C GLY G 106 0.11 11.21 16.70
N HIS G 107 -0.34 9.96 16.62
CA HIS G 107 -0.10 9.11 15.47
C HIS G 107 -1.41 8.46 15.05
N TYR G 108 -1.78 8.64 13.78
CA TYR G 108 -3.07 8.21 13.26
C TYR G 108 -3.00 8.31 11.75
N ARG G 109 -4.01 7.78 11.08
CA ARG G 109 -4.11 7.89 9.63
C ARG G 109 -4.82 9.18 9.22
N ALA G 110 -5.99 9.45 9.82
CA ALA G 110 -6.77 10.62 9.44
C ALA G 110 -7.93 10.77 10.41
N VAL G 111 -8.54 11.94 10.37
CA VAL G 111 -9.84 12.19 10.99
C VAL G 111 -10.81 12.53 9.86
N ALA G 112 -12.09 12.29 10.10
CA ALA G 112 -13.07 12.52 9.04
C ALA G 112 -14.46 12.69 9.63
N VAL G 113 -15.29 13.43 8.90
CA VAL G 113 -16.71 13.54 9.18
C VAL G 113 -17.45 12.99 7.97
N GLU G 114 -18.56 12.30 8.22
CA GLU G 114 -19.38 11.73 7.16
C GLU G 114 -20.84 12.02 7.44
N ILE G 115 -21.56 12.43 6.39
CA ILE G 115 -22.97 12.74 6.50
C ILE G 115 -23.73 12.06 5.36
N THR G 116 -25.02 11.90 5.57
CA THR G 116 -25.94 11.41 4.54
C THR G 116 -27.14 12.33 4.51
N ARG G 117 -27.56 12.72 3.30
CA ARG G 117 -28.61 13.71 3.14
C ARG G 117 -29.53 13.29 2.00
N GLU G 118 -30.83 13.45 2.23
CA GLU G 118 -31.85 13.28 1.21
C GLU G 118 -32.81 14.46 1.29
N ARG G 119 -33.78 14.51 0.41
CA ARG G 119 -34.63 15.69 0.40
C ARG G 119 -35.80 15.51 1.37
N PRO G 120 -36.11 16.51 2.21
CA PRO G 120 -37.26 16.39 3.11
C PRO G 120 -38.57 16.25 2.35
N MET H 1 26.59 14.29 -2.99
CA MET H 1 26.70 15.11 -1.75
C MET H 1 25.39 14.97 -0.95
N ASP H 2 25.01 16.01 -0.23
CA ASP H 2 23.72 16.02 0.43
C ASP H 2 22.61 16.25 -0.59
N LYS H 3 21.38 15.90 -0.20
CA LYS H 3 20.28 15.84 -1.14
C LYS H 3 19.00 16.42 -0.55
N ILE H 4 18.26 17.12 -1.40
CA ILE H 4 16.86 17.46 -1.15
C ILE H 4 16.02 16.60 -2.09
N TYR H 5 15.00 15.94 -1.54
CA TYR H 5 14.08 15.12 -2.32
C TYR H 5 12.70 15.76 -2.31
N ILE H 6 12.00 15.65 -3.42
CA ILE H 6 10.54 15.82 -3.46
C ILE H 6 9.98 14.57 -4.09
N HIS H 7 9.22 13.79 -3.31
CA HIS H 7 8.74 12.49 -3.71
C HIS H 7 7.34 12.60 -4.28
N ASP H 8 7.16 12.13 -5.52
CA ASP H 8 5.83 11.84 -6.05
C ASP H 8 4.98 13.09 -6.19
N MET H 9 5.58 14.17 -6.69
CA MET H 9 4.77 15.29 -7.13
C MET H 9 3.80 14.80 -8.20
N GLU H 10 2.55 15.25 -8.13
CA GLU H 10 1.53 14.81 -9.07
C GLU H 10 0.87 16.01 -9.72
N PHE H 11 0.84 16.01 -11.05
CA PHE H 11 0.25 17.09 -11.83
C PHE H 11 -0.67 16.49 -12.87
N TYR H 12 -1.63 17.30 -13.32
CA TYR H 12 -2.42 16.98 -14.50
C TYR H 12 -1.89 17.81 -15.65
N GLY H 13 -1.47 17.14 -16.73
CA GLY H 13 -0.87 17.81 -17.87
C GLY H 13 -1.44 17.29 -19.17
N TYR H 14 -0.99 17.89 -20.26
CA TYR H 14 -1.50 17.58 -21.60
C TYR H 14 -0.39 17.18 -22.55
N HIS H 15 0.74 16.72 -22.01
CA HIS H 15 1.85 16.26 -22.84
C HIS H 15 1.47 14.97 -23.55
N GLY H 16 2.19 14.68 -24.62
CA GLY H 16 1.99 13.45 -25.37
C GLY H 16 2.20 13.65 -26.86
N VAL H 17 2.60 12.57 -27.53
CA VAL H 17 2.79 12.62 -28.97
C VAL H 17 1.44 12.58 -29.69
N PHE H 18 0.45 11.90 -29.13
CA PHE H 18 -0.85 11.76 -29.79
C PHE H 18 -1.68 13.01 -29.53
N PRO H 19 -2.29 13.60 -30.56
CA PRO H 19 -3.15 14.78 -30.31
C PRO H 19 -4.28 14.50 -29.35
N GLU H 20 -4.78 13.27 -29.28
CA GLU H 20 -5.83 12.94 -28.34
C GLU H 20 -5.34 13.10 -26.90
N GLU H 21 -4.07 12.79 -26.65
CA GLU H 21 -3.49 13.07 -25.34
C GLU H 21 -3.47 14.57 -25.06
N ASN H 22 -3.21 15.38 -26.10
CA ASN H 22 -3.02 16.80 -25.90
C ASN H 22 -4.30 17.53 -25.50
N LYS H 23 -5.49 16.97 -25.79
CA LYS H 23 -6.73 17.58 -25.36
C LYS H 23 -7.42 16.87 -24.21
N LEU H 24 -7.14 15.59 -23.98
CA LEU H 24 -7.72 14.90 -22.83
C LEU H 24 -6.91 15.15 -21.56
N GLY H 25 -5.58 15.12 -21.66
CA GLY H 25 -4.73 15.24 -20.50
C GLY H 25 -4.65 13.92 -19.74
N GLN H 26 -3.81 13.92 -18.71
CA GLN H 26 -3.60 12.73 -17.90
C GLN H 26 -2.67 13.09 -16.74
N ARG H 27 -2.64 12.20 -15.75
CA ARG H 27 -1.74 12.39 -14.63
C ARG H 27 -0.29 12.39 -15.10
N PHE H 28 0.53 13.21 -14.45
CA PHE H 28 1.98 13.11 -14.54
C PHE H 28 2.54 13.20 -13.13
N LYS H 29 3.67 12.54 -12.91
CA LYS H 29 4.33 12.58 -11.62
C LYS H 29 5.82 12.80 -11.82
N VAL H 30 6.46 13.41 -10.83
CA VAL H 30 7.88 13.73 -10.88
C VAL H 30 8.51 13.40 -9.54
N ASP H 31 9.68 12.75 -9.58
CA ASP H 31 10.53 12.56 -8.42
C ASP H 31 11.79 13.39 -8.64
N LEU H 32 12.05 14.32 -7.73
CA LEU H 32 13.13 15.30 -7.88
C LEU H 32 14.20 15.04 -6.83
N THR H 33 15.45 14.99 -7.27
CA THR H 33 16.61 14.96 -6.39
C THR H 33 17.57 16.05 -6.84
N VAL H 34 17.96 16.92 -5.90
CA VAL H 34 18.99 17.93 -6.13
C VAL H 34 20.10 17.71 -5.12
N GLU H 35 21.34 17.86 -5.58
CA GLU H 35 22.52 17.68 -4.73
C GLU H 35 23.17 19.04 -4.48
N LEU H 36 23.51 19.29 -3.22
CA LEU H 36 24.06 20.56 -2.78
C LEU H 36 24.63 20.35 -1.38
N ASP H 37 25.42 21.31 -0.93
CA ASP H 37 25.99 21.26 0.41
C ASP H 37 24.96 21.76 1.41
N LEU H 38 24.58 20.90 2.35
CA LEU H 38 23.63 21.26 3.40
C LEU H 38 24.26 21.32 4.77
N LYS H 39 25.54 20.96 4.91
CA LYS H 39 26.22 21.03 6.19
C LYS H 39 25.95 22.36 6.87
N ARG H 40 26.26 23.47 6.18
CA ARG H 40 26.19 24.79 6.79
C ARG H 40 24.76 25.25 7.02
N ALA H 41 23.79 24.76 6.23
CA ALA H 41 22.40 25.04 6.55
C ALA H 41 21.99 24.35 7.84
N GLY H 42 22.46 23.12 8.05
CA GLY H 42 22.12 22.40 9.26
C GLY H 42 22.79 22.95 10.51
N GLU H 43 23.96 23.59 10.35
CA GLU H 43 24.66 24.16 11.49
C GLU H 43 24.22 25.59 11.80
N SER H 44 23.73 26.32 10.80
CA SER H 44 23.26 27.68 10.99
C SER H 44 21.75 27.79 11.18
N ASP H 45 20.99 26.79 10.76
CA ASP H 45 19.53 26.83 10.80
C ASP H 45 18.99 27.96 9.93
N ASP H 46 19.74 28.33 8.90
CA ASP H 46 19.44 29.49 8.07
C ASP H 46 19.03 28.99 6.68
N LEU H 47 17.72 29.03 6.40
CA LEU H 47 17.22 28.54 5.12
C LEU H 47 17.98 29.15 3.95
N GLU H 48 18.45 30.38 4.11
CA GLU H 48 19.14 31.11 3.05
C GLU H 48 20.47 30.47 2.68
N HIS H 49 20.96 29.49 3.45
CA HIS H 49 22.11 28.69 3.08
C HIS H 49 21.73 27.37 2.43
N SER H 50 20.48 27.24 1.99
CA SER H 50 20.00 26.05 1.30
C SER H 50 19.11 26.50 0.16
N VAL H 51 18.25 25.60 -0.33
CA VAL H 51 17.28 25.90 -1.37
C VAL H 51 15.90 25.59 -0.83
N ASN H 52 15.03 26.60 -0.83
CA ASN H 52 13.65 26.44 -0.39
C ASN H 52 12.96 25.36 -1.21
N TYR H 53 12.69 24.20 -0.60
CA TYR H 53 12.08 23.09 -1.33
C TYR H 53 10.74 23.48 -1.94
N GLY H 54 10.06 24.49 -1.38
CA GLY H 54 8.80 24.92 -1.97
C GLY H 54 8.96 25.56 -3.32
N GLU H 55 10.07 26.28 -3.54
CA GLU H 55 10.35 26.84 -4.85
C GLU H 55 10.63 25.74 -5.87
N LEU H 56 11.36 24.69 -5.45
CA LEU H 56 11.62 23.58 -6.35
C LEU H 56 10.32 22.93 -6.82
N PHE H 57 9.34 22.80 -5.92
CA PHE H 57 8.04 22.28 -6.33
C PHE H 57 7.39 23.21 -7.36
N GLU H 58 7.42 24.51 -7.09
CA GLU H 58 6.82 25.47 -8.01
C GLU H 58 7.48 25.40 -9.39
N LEU H 59 8.80 25.26 -9.42
CA LEU H 59 9.51 25.16 -10.70
C LEU H 59 9.01 23.98 -11.52
N CYS H 60 8.73 22.86 -10.85
CA CYS H 60 8.25 21.68 -11.56
C CYS H 60 6.82 21.90 -12.06
N ARG H 61 5.95 22.40 -11.19
CA ARG H 61 4.58 22.72 -11.61
C ARG H 61 4.58 23.59 -12.85
N LYS H 62 5.46 24.59 -12.90
CA LYS H 62 5.50 25.49 -14.04
C LYS H 62 5.77 24.75 -15.34
N VAL H 63 6.64 23.73 -15.29
CA VAL H 63 6.97 23.00 -16.51
C VAL H 63 5.89 21.98 -16.84
N VAL H 64 5.36 21.26 -15.85
CA VAL H 64 4.46 20.15 -16.15
C VAL H 64 3.06 20.66 -16.50
N GLU H 65 2.58 21.68 -15.79
CA GLU H 65 1.19 22.12 -15.95
C GLU H 65 1.05 23.37 -16.82
N ASP H 66 2.08 24.18 -16.95
CA ASP H 66 2.01 25.40 -17.74
C ASP H 66 2.79 25.32 -19.05
N ARG H 67 3.29 24.13 -19.40
CA ARG H 67 3.89 23.88 -20.70
C ARG H 67 3.29 22.60 -21.26
N THR H 68 3.34 22.46 -22.58
CA THR H 68 2.86 21.25 -23.26
C THR H 68 3.90 20.82 -24.27
N TYR H 69 4.54 19.68 -24.02
CA TYR H 69 5.50 19.06 -24.91
C TYR H 69 4.94 17.76 -25.45
N LYS H 70 5.67 17.15 -26.39
CA LYS H 70 5.30 15.86 -26.93
C LYS H 70 5.84 14.71 -26.09
N LEU H 71 7.10 14.82 -25.66
CA LEU H 71 7.80 13.75 -24.97
C LEU H 71 7.97 14.09 -23.50
N VAL H 72 7.94 13.05 -22.66
CA VAL H 72 8.26 13.24 -21.25
C VAL H 72 9.73 13.60 -21.09
N GLU H 73 10.58 13.16 -22.01
CA GLU H 73 11.99 13.57 -22.00
C GLU H 73 12.10 15.09 -21.97
N SER H 74 11.26 15.78 -22.73
CA SER H 74 11.32 17.24 -22.76
C SER H 74 10.87 17.84 -21.42
N ILE H 75 9.93 17.18 -20.73
CA ILE H 75 9.58 17.62 -19.38
C ILE H 75 10.79 17.53 -18.47
N ALA H 76 11.50 16.40 -18.52
CA ALA H 76 12.66 16.20 -17.67
C ALA H 76 13.75 17.22 -18.00
N GLU H 77 14.10 17.36 -19.27
CA GLU H 77 15.16 18.27 -19.66
C GLU H 77 14.86 19.70 -19.24
N ASN H 78 13.61 20.13 -19.43
CA ASN H 78 13.26 21.52 -19.11
C ASN H 78 13.28 21.77 -17.61
N ILE H 79 12.85 20.78 -16.82
CA ILE H 79 12.94 20.92 -15.37
C ILE H 79 14.40 20.98 -14.93
N ALA H 80 15.22 20.06 -15.44
CA ALA H 80 16.63 20.04 -15.07
C ALA H 80 17.31 21.35 -15.48
N THR H 81 16.98 21.86 -16.67
CA THR H 81 17.55 23.13 -17.11
C THR H 81 17.14 24.25 -16.16
N ASP H 82 15.84 24.39 -15.89
CA ASP H 82 15.36 25.48 -15.06
C ASP H 82 16.00 25.45 -13.67
N ILE H 83 16.22 24.26 -13.12
CA ILE H 83 16.81 24.16 -11.79
C ILE H 83 18.23 24.72 -11.79
N LEU H 84 19.02 24.33 -12.80
CA LEU H 84 20.44 24.67 -12.79
C LEU H 84 20.68 26.15 -13.08
N LYS H 85 19.82 26.77 -13.91
CA LYS H 85 19.99 28.19 -14.18
C LYS H 85 19.64 29.04 -12.96
N GLN H 86 18.65 28.61 -12.18
CA GLN H 86 18.11 29.45 -11.12
C GLN H 86 18.79 29.25 -9.77
N TYR H 87 19.33 28.07 -9.51
CA TYR H 87 19.94 27.75 -8.21
C TYR H 87 21.39 27.36 -8.43
N GLU H 88 22.28 28.35 -8.27
CA GLU H 88 23.70 28.12 -8.51
C GLU H 88 24.29 27.15 -7.48
N SER H 89 23.78 27.16 -6.25
CA SER H 89 24.32 26.28 -5.22
C SER H 89 24.07 24.81 -5.51
N ILE H 90 23.21 24.48 -6.48
CA ILE H 90 22.91 23.10 -6.82
C ILE H 90 23.91 22.62 -7.86
N SER H 91 24.59 21.52 -7.57
CA SER H 91 25.65 20.99 -8.43
C SER H 91 25.10 19.99 -9.45
N ARG H 92 24.28 19.06 -9.00
CA ARG H 92 23.67 18.06 -9.87
C ARG H 92 22.21 17.90 -9.47
N CYS H 93 21.40 17.42 -10.40
CA CYS H 93 20.01 17.12 -10.14
C CYS H 93 19.61 15.89 -10.93
N THR H 94 18.73 15.09 -10.35
CA THR H 94 18.17 13.91 -10.99
C THR H 94 16.66 14.07 -11.03
N ILE H 95 16.10 14.08 -12.23
CA ILE H 95 14.67 14.27 -12.44
C ILE H 95 14.10 13.00 -13.04
N LYS H 96 13.04 12.47 -12.42
CA LYS H 96 12.31 11.33 -12.92
C LYS H 96 10.88 11.77 -13.18
N VAL H 97 10.46 11.70 -14.45
CA VAL H 97 9.11 12.06 -14.86
C VAL H 97 8.35 10.79 -15.15
N ILE H 98 7.17 10.64 -14.54
CA ILE H 98 6.42 9.40 -14.57
C ILE H 98 5.09 9.63 -15.28
N LYS H 99 4.75 8.72 -16.19
CA LYS H 99 3.46 8.67 -16.86
C LYS H 99 2.75 7.42 -16.33
N PRO H 100 1.91 7.53 -15.29
CA PRO H 100 1.30 6.31 -14.73
C PRO H 100 0.20 5.71 -15.58
N ASP H 101 -0.46 6.49 -16.43
CA ASP H 101 -1.61 6.01 -17.21
C ASP H 101 -1.38 6.25 -18.70
N PRO H 102 -0.31 5.72 -19.27
CA PRO H 102 -0.05 5.92 -20.70
C PRO H 102 -1.08 5.19 -21.53
N PRO H 103 -1.21 5.53 -22.82
CA PRO H 103 -2.15 4.85 -23.72
C PRO H 103 -1.60 3.55 -24.32
N ILE H 104 -1.05 2.70 -23.47
CA ILE H 104 -0.48 1.41 -23.89
C ILE H 104 -1.48 0.32 -23.52
N PRO H 105 -1.98 -0.45 -24.49
CA PRO H 105 -2.83 -1.61 -24.13
C PRO H 105 -2.03 -2.67 -23.39
N GLY H 106 -2.21 -2.76 -22.08
CA GLY H 106 -1.46 -3.70 -21.29
C GLY H 106 -1.69 -3.45 -19.81
N HIS H 107 -0.87 -4.12 -19.00
CA HIS H 107 -0.96 -4.01 -17.55
C HIS H 107 0.43 -3.75 -16.99
N TYR H 108 0.57 -2.66 -16.25
CA TYR H 108 1.86 -2.16 -15.79
C TYR H 108 1.57 -1.07 -14.76
N ARG H 109 2.58 -0.72 -13.98
CA ARG H 109 2.38 0.35 -13.00
C ARG H 109 2.56 1.72 -13.64
N ALA H 110 3.57 1.88 -14.50
CA ALA H 110 3.86 3.19 -15.07
C ALA H 110 5.04 3.06 -16.03
N VAL H 111 5.23 4.10 -16.83
CA VAL H 111 6.45 4.33 -17.59
C VAL H 111 7.05 5.64 -17.10
N ALA H 112 8.36 5.76 -17.18
CA ALA H 112 9.01 6.96 -16.68
C ALA H 112 10.32 7.19 -17.43
N VAL H 113 10.78 8.43 -17.38
CA VAL H 113 12.08 8.85 -17.88
C VAL H 113 12.86 9.42 -16.71
N GLU H 114 14.16 9.15 -16.67
CA GLU H 114 15.02 9.66 -15.61
C GLU H 114 16.31 10.17 -16.21
N ILE H 115 16.66 11.42 -15.91
CA ILE H 115 17.88 12.04 -16.38
C ILE H 115 18.64 12.63 -15.20
N THR H 116 19.96 12.71 -15.34
CA THR H 116 20.82 13.42 -14.41
C THR H 116 21.57 14.49 -15.20
N ARG H 117 21.59 15.71 -14.67
CA ARG H 117 22.27 16.82 -15.32
C ARG H 117 23.07 17.60 -14.29
N GLU H 118 24.22 18.12 -14.72
CA GLU H 118 25.06 18.96 -13.87
C GLU H 118 25.62 20.08 -14.72
N ARG H 119 26.52 20.86 -14.14
CA ARG H 119 26.97 22.10 -14.75
C ARG H 119 28.26 21.84 -15.53
N PRO H 120 28.32 22.24 -16.82
CA PRO H 120 29.56 22.03 -17.58
C PRO H 120 30.77 22.65 -16.87
#